data_3T9P
#
_entry.id   3T9P
#
_cell.length_a   109.594
_cell.length_b   91.362
_cell.length_c   100.271
_cell.angle_alpha   90.00
_cell.angle_beta   90.00
_cell.angle_gamma   90.00
#
_symmetry.space_group_name_H-M   'P 21 21 21'
#
loop_
_entity.id
_entity.type
_entity.pdbx_description
1 polymer 'Mandelate racemase/muconate lactonizing enzyme family protein'
2 non-polymer 'SULFATE ION'
3 non-polymer 'FORMIC ACID'
4 non-polymer GLYCEROL
5 water water
#
_entity_poly.entity_id   1
_entity_poly.type   'polypeptide(L)'
_entity_poly.pdbx_seq_one_letter_code
;MHHHHHHSSGVDLGTENLYFQSMRIARLETFCNEFVGFVRVTTDSGAQGWGQVSTYNADITCTIFHRQIAPHALGTDALD
FADTLDLIYERELKYPGSYLRRAMTGLDTALWDMRGKLEGKPVATLLGGSPGPVRAYASSMRRDITPEDEAERFCRLRDD
KGFTAFKWRVGAEAGRDHDEWPGRTEAVVPTVSRALGDGIEKLVDGNSCYSPARAIEVGKLLQDNGIGHFEEPCPYWEYD
QTAAVRAALLLDVAGGEQDCEYSSWQLMLDRGAVDIVQPDVMYMGGMHRTLQVCQMAARAGLPVTPHAANLSLVTMCTMH
LLRAIPNAGKYLEFSIEGPEYYPWQEGLFLGDPYRIEGGQAIVTDAPGWGVEISPTWLDSATYQVSER
;
_entity_poly.pdbx_strand_id   A,B
#
# COMPACT_ATOMS: atom_id res chain seq x y z
N GLN A 21 -36.16 10.48 2.62
CA GLN A 21 -36.22 8.99 2.37
C GLN A 21 -34.80 8.31 2.17
N SER A 22 -34.56 7.14 2.79
CA SER A 22 -33.20 6.54 2.81
C SER A 22 -32.90 5.86 1.43
N MET A 23 -31.62 5.58 1.12
CA MET A 23 -31.33 5.03 -0.24
C MET A 23 -30.01 4.21 -0.28
N ARG A 24 -29.90 3.37 -1.30
CA ARG A 24 -28.86 2.36 -1.35
C ARG A 24 -28.14 2.59 -2.64
N ILE A 25 -26.85 2.21 -2.71
CA ILE A 25 -26.11 2.29 -3.98
C ILE A 25 -26.59 1.21 -5.02
N ALA A 26 -26.95 1.66 -6.21
CA ALA A 26 -27.37 0.76 -7.27
C ALA A 26 -26.38 0.46 -8.38
N ARG A 27 -25.56 1.38 -8.73
CA ARG A 27 -24.72 1.35 -9.89
C ARG A 27 -23.46 2.20 -9.70
N LEU A 28 -22.37 1.72 -10.17
CA LEU A 28 -21.11 2.42 -10.15
C LEU A 28 -20.45 2.27 -11.50
N GLU A 29 -20.16 3.39 -12.13
CA GLU A 29 -19.56 3.47 -13.42
C GLU A 29 -18.24 4.25 -13.41
N THR A 30 -17.26 3.77 -14.15
CA THR A 30 -16.01 4.43 -14.34
C THR A 30 -15.72 4.75 -15.83
N PHE A 31 -15.13 5.90 -16.06
CA PHE A 31 -14.73 6.35 -17.35
C PHE A 31 -13.27 6.77 -17.18
N CYS A 32 -12.36 6.10 -17.84
CA CYS A 32 -10.93 6.36 -17.69
C CYS A 32 -10.08 6.40 -18.95
N ASN A 33 -8.92 6.97 -18.77
CA ASN A 33 -7.75 6.84 -19.59
C ASN A 33 -6.60 6.53 -18.62
N GLU A 34 -5.39 6.43 -19.09
CA GLU A 34 -4.25 6.20 -18.25
C GLU A 34 -4.06 7.24 -17.14
N PHE A 35 -4.44 8.47 -17.40
CA PHE A 35 -4.25 9.56 -16.49
C PHE A 35 -5.36 9.81 -15.50
N VAL A 36 -6.61 9.59 -15.86
CA VAL A 36 -7.70 10.10 -14.96
C VAL A 36 -8.84 9.18 -15.08
N GLY A 37 -9.65 8.98 -14.02
CA GLY A 37 -10.78 8.03 -14.09
C GLY A 37 -11.88 8.77 -13.31
N PHE A 38 -13.02 9.06 -13.95
CA PHE A 38 -14.20 9.54 -13.24
C PHE A 38 -15.17 8.40 -12.87
N VAL A 39 -15.90 8.61 -11.77
CA VAL A 39 -16.82 7.63 -11.27
C VAL A 39 -18.20 8.32 -11.21
N ARG A 40 -19.20 7.63 -11.73
CA ARG A 40 -20.59 8.00 -11.59
C ARG A 40 -21.32 6.94 -10.74
N VAL A 41 -21.95 7.42 -9.70
CA VAL A 41 -22.75 6.63 -8.79
C VAL A 41 -24.22 6.93 -9.03
N THR A 42 -25.03 5.88 -9.06
CA THR A 42 -26.48 5.96 -9.11
C THR A 42 -27.15 5.20 -7.95
N THR A 43 -28.05 5.86 -7.23
CA THR A 43 -28.77 5.25 -6.12
C THR A 43 -30.02 4.52 -6.63
N ASP A 44 -30.67 3.78 -5.75
CA ASP A 44 -31.91 3.09 -6.05
C ASP A 44 -33.01 4.08 -6.41
N SER A 45 -32.93 5.29 -5.89
CA SER A 45 -33.84 6.37 -6.24
C SER A 45 -33.58 7.00 -7.60
N GLY A 46 -32.54 6.58 -8.30
CA GLY A 46 -31.99 7.30 -9.44
C GLY A 46 -31.11 8.55 -9.20
N ALA A 47 -30.90 8.96 -7.95
CA ALA A 47 -30.03 10.12 -7.67
C ALA A 47 -28.59 9.83 -8.16
N GLN A 48 -27.92 10.81 -8.78
CA GLN A 48 -26.57 10.61 -9.29
C GLN A 48 -25.54 11.59 -8.73
N GLY A 49 -24.28 11.15 -8.82
CA GLY A 49 -23.13 12.05 -8.53
C GLY A 49 -21.89 11.51 -9.20
N TRP A 50 -20.93 12.42 -9.30
CA TRP A 50 -19.67 12.21 -9.98
C TRP A 50 -18.50 12.44 -9.05
N GLY A 51 -17.55 11.49 -9.09
CA GLY A 51 -16.27 11.66 -8.35
C GLY A 51 -15.16 11.20 -9.23
N GLN A 52 -14.01 10.97 -8.67
CA GLN A 52 -12.80 10.66 -9.39
C GLN A 52 -11.85 9.84 -8.54
N VAL A 53 -11.24 8.85 -9.17
CA VAL A 53 -10.15 8.08 -8.59
C VAL A 53 -8.89 8.97 -8.66
N SER A 54 -7.86 8.58 -7.95
CA SER A 54 -6.62 9.31 -8.00
C SER A 54 -6.10 9.34 -9.46
N THR A 55 -5.51 10.44 -9.82
CA THR A 55 -4.83 10.51 -11.09
C THR A 55 -3.59 9.57 -11.10
N TYR A 56 -3.17 9.22 -12.30
CA TYR A 56 -1.99 8.44 -12.61
C TYR A 56 -2.22 6.92 -12.54
N ASN A 57 -1.98 6.24 -13.64
CA ASN A 57 -2.24 4.83 -13.75
C ASN A 57 -3.72 4.57 -13.43
N ALA A 58 -4.57 5.51 -13.84
CA ALA A 58 -5.98 5.53 -13.54
C ALA A 58 -6.70 4.30 -14.09
N ASP A 59 -6.23 3.81 -15.22
CA ASP A 59 -6.76 2.61 -15.83
C ASP A 59 -6.57 1.39 -14.90
N ILE A 60 -5.41 1.25 -14.32
CA ILE A 60 -5.22 0.10 -13.37
C ILE A 60 -6.13 0.34 -12.18
N THR A 61 -6.12 1.57 -11.68
CA THR A 61 -6.93 1.87 -10.55
C THR A 61 -8.43 1.56 -10.80
N CYS A 62 -8.92 1.80 -12.03
CA CYS A 62 -10.38 1.52 -12.33
C CYS A 62 -10.65 0.01 -12.45
N THR A 63 -9.70 -0.75 -12.91
CA THR A 63 -9.82 -2.18 -12.87
C THR A 63 -9.95 -2.66 -11.41
N ILE A 64 -9.14 -2.08 -10.56
CA ILE A 64 -9.16 -2.34 -9.13
C ILE A 64 -10.49 -1.90 -8.49
N PHE A 65 -11.03 -0.77 -8.94
CA PHE A 65 -12.25 -0.25 -8.40
C PHE A 65 -13.33 -1.28 -8.62
N HIS A 66 -13.39 -1.79 -9.81
CA HIS A 66 -14.49 -2.75 -10.12
C HIS A 66 -14.19 -4.12 -9.47
N ARG A 67 -12.94 -4.49 -9.35
CA ARG A 67 -12.59 -5.74 -8.66
C ARG A 67 -12.82 -5.77 -7.12
N GLN A 68 -12.41 -4.68 -6.50
CA GLN A 68 -12.26 -4.59 -5.08
C GLN A 68 -13.02 -3.51 -4.27
N ILE A 69 -13.58 -2.51 -4.93
CA ILE A 69 -14.40 -1.53 -4.27
C ILE A 69 -15.90 -1.78 -4.52
N ALA A 70 -16.29 -1.82 -5.77
CA ALA A 70 -17.71 -1.94 -6.18
C ALA A 70 -18.46 -3.11 -5.61
N PRO A 71 -17.83 -4.32 -5.52
CA PRO A 71 -18.62 -5.46 -4.99
C PRO A 71 -19.06 -5.27 -3.57
N HIS A 72 -18.30 -4.51 -2.77
CA HIS A 72 -18.63 -4.34 -1.41
C HIS A 72 -19.56 -3.15 -1.22
N ALA A 73 -19.56 -2.21 -2.16
CA ALA A 73 -20.33 -0.97 -1.99
C ALA A 73 -21.77 -1.10 -2.57
N LEU A 74 -21.98 -1.85 -3.63
CA LEU A 74 -23.34 -2.11 -4.18
C LEU A 74 -24.31 -2.55 -3.07
N GLY A 75 -25.50 -1.93 -3.03
CA GLY A 75 -26.56 -2.30 -2.07
C GLY A 75 -26.36 -1.70 -0.72
N THR A 76 -25.29 -0.91 -0.51
CA THR A 76 -25.08 -0.33 0.82
C THR A 76 -25.71 1.09 0.91
N ASP A 77 -25.73 1.69 2.12
CA ASP A 77 -26.32 3.02 2.39
C ASP A 77 -25.55 4.11 1.63
N ALA A 78 -26.25 4.75 0.67
CA ALA A 78 -25.64 5.84 -0.15
C ALA A 78 -25.44 7.12 0.60
N LEU A 79 -26.06 7.26 1.81
CA LEU A 79 -26.01 8.54 2.51
C LEU A 79 -25.21 8.55 3.80
N ASP A 80 -24.75 7.39 4.23
CA ASP A 80 -24.04 7.34 5.49
C ASP A 80 -23.06 6.21 5.25
N PHE A 81 -21.87 6.59 4.76
CA PHE A 81 -21.00 5.50 4.16
C PHE A 81 -19.61 5.41 4.79
N ALA A 82 -19.33 6.23 5.82
CA ALA A 82 -17.99 6.13 6.44
C ALA A 82 -17.67 4.66 6.89
N ASP A 83 -18.65 4.00 7.50
CA ASP A 83 -18.44 2.61 7.93
C ASP A 83 -18.20 1.62 6.76
N THR A 84 -18.89 1.86 5.61
CA THR A 84 -18.72 1.06 4.43
C THR A 84 -17.25 1.07 3.92
N LEU A 85 -16.59 2.23 4.00
CA LEU A 85 -15.20 2.34 3.51
C LEU A 85 -14.29 1.53 4.43
N ASP A 86 -14.56 1.55 5.74
CA ASP A 86 -13.87 0.62 6.72
C ASP A 86 -14.15 -0.84 6.39
N LEU A 87 -15.39 -1.22 6.08
CA LEU A 87 -15.74 -2.57 5.68
C LEU A 87 -15.05 -2.99 4.42
N ILE A 88 -14.96 -2.07 3.47
CA ILE A 88 -14.21 -2.40 2.24
C ILE A 88 -12.78 -2.84 2.59
N TYR A 89 -12.10 -2.02 3.38
CA TYR A 89 -10.68 -2.36 3.74
C TYR A 89 -10.60 -3.69 4.51
N GLU A 90 -11.54 -3.91 5.45
CA GLU A 90 -11.62 -5.23 6.13
C GLU A 90 -11.82 -6.39 5.24
N ARG A 91 -12.70 -6.30 4.21
CA ARG A 91 -12.80 -7.39 3.25
C ARG A 91 -11.57 -7.50 2.38
N GLU A 92 -10.87 -6.40 2.11
CA GLU A 92 -9.69 -6.45 1.22
C GLU A 92 -8.37 -6.21 2.07
N LEU A 93 -8.35 -6.76 3.26
CA LEU A 93 -7.34 -6.46 4.23
C LEU A 93 -5.93 -6.91 3.79
N LYS A 94 -5.88 -7.80 2.81
CA LYS A 94 -4.62 -8.25 2.18
C LYS A 94 -3.95 -7.18 1.27
N TYR A 95 -4.66 -6.11 0.99
CA TYR A 95 -4.24 -5.10 0.06
C TYR A 95 -3.99 -3.67 0.66
N PRO A 96 -3.28 -3.54 1.76
CA PRO A 96 -3.06 -2.21 2.31
C PRO A 96 -2.21 -1.31 1.32
N GLY A 97 -2.33 0.00 1.36
CA GLY A 97 -1.36 0.88 0.61
C GLY A 97 -2.13 1.55 -0.54
N SER A 98 -1.37 2.03 -1.52
CA SER A 98 -1.84 3.07 -2.35
C SER A 98 -3.00 2.67 -3.32
N TYR A 99 -2.89 1.57 -4.08
CA TYR A 99 -3.93 1.43 -5.15
C TYR A 99 -5.33 1.20 -4.63
N LEU A 100 -5.53 0.51 -3.54
CA LEU A 100 -6.89 0.37 -3.01
C LEU A 100 -7.48 1.74 -2.64
N ARG A 101 -6.66 2.59 -2.03
CA ARG A 101 -7.05 3.92 -1.66
C ARG A 101 -7.35 4.86 -2.86
N ARG A 102 -6.54 4.71 -3.89
CA ARG A 102 -6.66 5.49 -5.09
C ARG A 102 -8.04 5.16 -5.69
N ALA A 103 -8.41 3.90 -5.66
CA ALA A 103 -9.70 3.48 -6.14
C ALA A 103 -10.90 3.90 -5.26
N MET A 104 -10.71 3.72 -3.96
CA MET A 104 -11.72 4.10 -2.91
C MET A 104 -12.13 5.56 -3.02
N THR A 105 -11.18 6.42 -3.36
CA THR A 105 -11.46 7.83 -3.53
C THR A 105 -12.61 8.06 -4.53
N GLY A 106 -12.67 7.25 -5.59
CA GLY A 106 -13.68 7.44 -6.66
C GLY A 106 -15.07 7.18 -6.06
N LEU A 107 -15.18 6.15 -5.23
CA LEU A 107 -16.44 5.90 -4.48
C LEU A 107 -16.80 7.05 -3.50
N ASP A 108 -15.87 7.43 -2.62
CA ASP A 108 -16.15 8.49 -1.65
C ASP A 108 -16.55 9.80 -2.34
N THR A 109 -15.76 10.24 -3.30
CA THR A 109 -16.05 11.57 -3.95
C THR A 109 -17.35 11.59 -4.75
N ALA A 110 -17.73 10.48 -5.37
CA ALA A 110 -18.97 10.44 -6.13
C ALA A 110 -20.12 10.54 -5.13
N LEU A 111 -19.99 9.87 -3.99
CA LEU A 111 -21.09 9.90 -3.01
C LEU A 111 -21.26 11.29 -2.35
N TRP A 112 -20.16 12.00 -2.05
CA TRP A 112 -20.35 13.39 -1.55
C TRP A 112 -21.07 14.24 -2.61
N ASP A 113 -20.69 14.12 -3.86
CA ASP A 113 -21.30 14.93 -4.93
C ASP A 113 -22.78 14.55 -5.05
N MET A 114 -23.07 13.28 -4.96
CA MET A 114 -24.45 12.77 -4.97
C MET A 114 -25.27 13.41 -3.87
N ARG A 115 -24.80 13.32 -2.61
CA ARG A 115 -25.52 13.89 -1.47
C ARG A 115 -25.62 15.41 -1.58
N GLY A 116 -24.59 16.05 -2.09
CA GLY A 116 -24.62 17.50 -2.31
C GLY A 116 -25.72 17.95 -3.29
N LYS A 117 -25.82 17.27 -4.43
CA LYS A 117 -26.91 17.52 -5.43
C LYS A 117 -28.29 17.18 -4.90
N LEU A 118 -28.41 16.09 -4.16
CA LEU A 118 -29.72 15.77 -3.54
C LEU A 118 -30.18 16.86 -2.52
N GLU A 119 -29.24 17.37 -1.71
CA GLU A 119 -29.50 18.41 -0.73
C GLU A 119 -29.43 19.82 -1.23
N GLY A 120 -28.99 20.05 -2.46
CA GLY A 120 -28.80 21.39 -2.96
C GLY A 120 -27.63 22.18 -2.30
N LYS A 121 -26.60 21.47 -1.83
CA LYS A 121 -25.56 22.10 -1.02
C LYS A 121 -24.17 21.77 -1.63
N PRO A 122 -23.23 22.74 -1.66
CA PRO A 122 -21.78 22.38 -1.92
C PRO A 122 -21.21 21.41 -0.85
N VAL A 123 -20.26 20.57 -1.24
CA VAL A 123 -19.72 19.57 -0.30
C VAL A 123 -19.17 20.27 0.90
N ALA A 124 -18.58 21.43 0.67
CA ALA A 124 -18.01 22.25 1.80
C ALA A 124 -19.07 22.50 2.89
N THR A 125 -20.30 22.74 2.44
CA THR A 125 -21.46 22.97 3.39
C THR A 125 -21.83 21.66 4.11
N LEU A 126 -21.91 20.56 3.36
CA LEU A 126 -22.11 19.24 4.00
C LEU A 126 -21.09 18.95 5.06
N LEU A 127 -19.88 19.51 4.93
CA LEU A 127 -18.82 19.22 5.86
C LEU A 127 -18.74 20.19 7.01
N GLY A 128 -19.74 21.04 7.20
CA GLY A 128 -19.67 22.05 8.25
C GLY A 128 -19.04 23.42 7.87
N GLY A 129 -18.69 23.64 6.60
CA GLY A 129 -18.09 24.92 6.16
C GLY A 129 -19.13 25.63 5.30
N SER A 130 -18.69 26.44 4.33
CA SER A 130 -19.55 27.17 3.52
C SER A 130 -18.77 27.55 2.28
N PRO A 131 -19.47 27.92 1.18
CA PRO A 131 -18.76 28.37 -0.03
C PRO A 131 -18.02 29.65 0.26
N GLY A 132 -16.96 29.91 -0.48
CA GLY A 132 -16.20 31.11 -0.36
C GLY A 132 -14.80 30.96 -0.97
N PRO A 133 -13.97 32.00 -0.77
CA PRO A 133 -12.64 31.96 -1.37
C PRO A 133 -11.62 31.15 -0.56
N VAL A 134 -10.63 30.61 -1.29
CA VAL A 134 -9.53 29.93 -0.70
C VAL A 134 -8.22 30.59 -1.24
N ARG A 135 -7.38 31.16 -0.36
CA ARG A 135 -6.07 31.66 -0.77
C ARG A 135 -5.22 30.49 -1.32
N ALA A 136 -4.55 30.72 -2.42
CA ALA A 136 -3.76 29.63 -3.06
C ALA A 136 -2.28 29.99 -3.06
N TYR A 137 -1.44 28.96 -3.16
CA TYR A 137 -0.07 29.21 -3.50
C TYR A 137 0.15 28.63 -4.90
N ALA A 138 0.99 29.29 -5.67
CA ALA A 138 1.33 28.87 -7.03
C ALA A 138 2.40 27.80 -6.89
N SER A 139 2.13 26.61 -7.38
CA SER A 139 3.06 25.51 -7.20
C SER A 139 3.68 25.04 -8.56
N SER A 140 4.99 25.15 -8.66
CA SER A 140 5.76 24.60 -9.73
C SER A 140 6.01 23.11 -9.44
N MET A 141 5.73 22.24 -10.41
CA MET A 141 6.11 20.82 -10.29
C MET A 141 7.51 20.47 -10.85
N ARG A 142 8.26 21.42 -11.41
CA ARG A 142 9.40 21.08 -12.26
C ARG A 142 10.71 21.32 -11.62
N ARG A 143 11.64 20.37 -11.83
CA ARG A 143 13.03 20.53 -11.55
C ARG A 143 13.84 20.77 -12.86
N ASP A 144 13.25 20.48 -13.98
CA ASP A 144 13.91 20.68 -15.24
C ASP A 144 14.03 22.15 -15.65
N ILE A 145 13.32 23.02 -15.00
CA ILE A 145 13.38 24.43 -15.23
C ILE A 145 14.57 25.17 -14.57
N THR A 146 15.08 26.19 -15.24
CA THR A 146 16.14 27.01 -14.69
C THR A 146 15.64 28.02 -13.65
N PRO A 147 16.53 28.50 -12.80
CA PRO A 147 16.18 29.48 -11.81
C PRO A 147 15.59 30.73 -12.45
N GLU A 148 16.19 31.20 -13.51
CA GLU A 148 15.72 32.34 -14.20
C GLU A 148 14.37 32.18 -14.84
N ASP A 149 14.15 31.06 -15.49
CA ASP A 149 12.86 30.76 -16.04
C ASP A 149 11.76 30.60 -14.98
N GLU A 150 12.06 29.94 -13.88
CA GLU A 150 11.09 29.78 -12.79
C GLU A 150 10.76 31.14 -12.19
N ALA A 151 11.76 31.98 -12.00
CA ALA A 151 11.54 33.32 -11.48
C ALA A 151 10.66 34.17 -12.37
N GLU A 152 10.94 34.13 -13.67
CA GLU A 152 10.17 34.90 -14.60
C GLU A 152 8.74 34.45 -14.67
N ARG A 153 8.48 33.16 -14.71
CA ARG A 153 7.07 32.81 -14.82
C ARG A 153 6.38 33.15 -13.49
N PHE A 154 7.06 33.02 -12.37
CA PHE A 154 6.49 33.34 -11.05
C PHE A 154 6.17 34.84 -10.97
N CYS A 155 7.09 35.69 -11.45
CA CYS A 155 6.82 37.15 -11.47
C CYS A 155 5.54 37.52 -12.18
N ARG A 156 5.31 36.90 -13.33
CA ARG A 156 4.14 37.12 -14.18
C ARG A 156 2.86 36.65 -13.41
N LEU A 157 2.94 35.49 -12.74
CA LEU A 157 1.77 34.98 -12.02
C LEU A 157 1.47 35.90 -10.83
N ARG A 158 2.51 36.38 -10.15
CA ARG A 158 2.37 37.30 -9.04
C ARG A 158 1.66 38.59 -9.51
N ASP A 159 2.15 39.15 -10.62
CA ASP A 159 1.61 40.40 -11.11
C ASP A 159 0.30 40.30 -11.82
N ASP A 160 0.05 39.24 -12.59
CA ASP A 160 -1.20 39.15 -13.36
C ASP A 160 -2.29 38.38 -12.67
N LYS A 161 -1.92 37.42 -11.81
CA LYS A 161 -2.96 36.65 -11.11
C LYS A 161 -3.08 36.92 -9.59
N GLY A 162 -2.19 37.74 -9.05
CA GLY A 162 -2.29 38.14 -7.62
C GLY A 162 -1.87 37.08 -6.61
N PHE A 163 -1.17 36.00 -7.04
CA PHE A 163 -0.65 35.04 -6.07
C PHE A 163 0.30 35.71 -5.07
N THR A 164 0.27 35.36 -3.76
CA THR A 164 1.25 35.93 -2.86
C THR A 164 2.00 34.83 -2.10
N ALA A 165 1.96 33.60 -2.64
CA ALA A 165 2.72 32.53 -2.05
C ALA A 165 3.10 31.62 -3.25
N PHE A 166 4.30 31.04 -3.19
CA PHE A 166 4.88 30.25 -4.32
C PHE A 166 5.71 29.09 -3.80
N LYS A 167 5.62 27.92 -4.45
CA LYS A 167 6.43 26.78 -4.09
C LYS A 167 7.17 26.30 -5.36
N TRP A 168 8.45 26.05 -5.19
CA TRP A 168 9.29 25.42 -6.21
C TRP A 168 10.14 24.28 -5.63
N ARG A 169 11.02 23.72 -6.48
CA ARG A 169 11.70 22.47 -6.15
C ARG A 169 13.15 22.63 -5.88
N VAL A 170 13.63 21.86 -4.92
CA VAL A 170 15.05 21.72 -4.67
C VAL A 170 15.42 20.22 -4.73
N GLY A 171 16.73 19.98 -4.82
CA GLY A 171 17.30 18.65 -4.83
C GLY A 171 16.75 18.00 -6.12
N ALA A 172 16.85 16.67 -6.13
CA ALA A 172 16.31 15.73 -7.17
C ALA A 172 15.36 14.76 -6.46
N GLU A 173 14.24 14.44 -7.10
CA GLU A 173 13.26 13.51 -6.45
C GLU A 173 13.92 12.21 -6.01
N ALA A 174 13.84 11.92 -4.72
CA ALA A 174 14.42 10.65 -4.15
C ALA A 174 15.88 10.51 -4.62
N GLY A 175 16.54 11.67 -4.66
CA GLY A 175 17.84 11.82 -5.29
C GLY A 175 19.04 11.30 -4.52
N ARG A 176 18.87 10.78 -3.29
CA ARG A 176 19.96 10.32 -2.41
C ARG A 176 21.09 11.40 -2.32
N ASP A 177 20.66 12.60 -1.97
CA ASP A 177 21.61 13.72 -1.85
C ASP A 177 22.17 14.30 -3.10
N HIS A 178 21.79 13.82 -4.27
CA HIS A 178 22.26 14.44 -5.49
C HIS A 178 21.25 15.47 -5.95
N ASP A 179 21.69 16.60 -6.45
CA ASP A 179 20.83 17.65 -6.99
C ASP A 179 20.34 17.30 -8.39
N GLU A 180 19.36 18.04 -8.91
CA GLU A 180 18.93 17.90 -10.30
C GLU A 180 20.10 18.09 -11.31
N TRP A 181 20.90 19.13 -11.13
CA TRP A 181 22.21 19.24 -11.79
C TRP A 181 23.11 19.93 -10.75
N PRO A 182 24.46 19.84 -10.90
CA PRO A 182 25.24 20.44 -9.77
C PRO A 182 25.05 21.97 -9.69
N GLY A 183 24.86 22.46 -8.48
CA GLY A 183 24.60 23.86 -8.23
C GLY A 183 23.18 24.35 -8.42
N ARG A 184 22.24 23.49 -8.81
CA ARG A 184 20.89 24.01 -9.05
C ARG A 184 20.22 24.58 -7.83
N THR A 185 20.33 23.89 -6.73
CA THR A 185 19.70 24.30 -5.49
C THR A 185 20.28 25.61 -4.95
N GLU A 186 21.59 25.69 -5.03
CA GLU A 186 22.35 26.90 -4.60
C GLU A 186 21.92 28.11 -5.35
N ALA A 187 21.54 27.97 -6.60
CA ALA A 187 21.04 29.04 -7.40
C ALA A 187 19.54 29.31 -7.33
N VAL A 188 18.74 28.23 -7.28
CA VAL A 188 17.28 28.37 -7.47
C VAL A 188 16.70 29.07 -6.21
N VAL A 189 17.35 28.89 -5.07
CA VAL A 189 16.75 29.30 -3.80
C VAL A 189 16.82 30.86 -3.75
N PRO A 190 18.08 31.43 -3.86
CA PRO A 190 18.15 32.94 -3.86
C PRO A 190 17.60 33.57 -5.11
N THR A 191 17.78 32.94 -6.27
CA THR A 191 17.25 33.58 -7.47
C THR A 191 15.74 33.80 -7.49
N VAL A 192 14.98 32.76 -7.16
CA VAL A 192 13.51 32.87 -7.22
C VAL A 192 13.04 33.82 -6.06
N SER A 193 13.63 33.64 -4.91
CA SER A 193 13.27 34.41 -3.73
C SER A 193 13.51 35.93 -3.95
N ARG A 194 14.70 36.32 -4.47
CA ARG A 194 14.94 37.76 -4.72
C ARG A 194 14.06 38.23 -5.84
N ALA A 195 13.77 37.45 -6.89
CA ALA A 195 12.85 37.95 -7.94
C ALA A 195 11.48 38.21 -7.32
N LEU A 196 11.01 37.30 -6.42
CA LEU A 196 9.59 37.38 -5.97
C LEU A 196 9.49 38.58 -5.04
N GLY A 197 10.54 38.85 -4.26
CA GLY A 197 10.58 40.10 -3.43
C GLY A 197 9.82 40.00 -2.09
N ASP A 198 9.65 41.13 -1.42
CA ASP A 198 9.08 41.22 -0.07
C ASP A 198 7.59 40.98 -0.09
N GLY A 199 7.03 40.57 1.05
CA GLY A 199 5.59 40.44 1.12
C GLY A 199 5.13 39.16 0.45
N ILE A 200 6.05 38.23 0.14
CA ILE A 200 5.60 36.97 -0.58
C ILE A 200 5.99 35.78 0.27
N GLU A 201 5.08 34.83 0.57
CA GLU A 201 5.45 33.62 1.33
C GLU A 201 6.09 32.66 0.28
N LYS A 202 7.05 31.89 0.75
CA LYS A 202 7.85 30.99 -0.13
C LYS A 202 7.92 29.61 0.45
N LEU A 203 7.82 28.62 -0.44
CA LEU A 203 7.76 27.23 -0.01
C LEU A 203 8.70 26.53 -0.97
N VAL A 204 9.35 25.50 -0.51
CA VAL A 204 10.04 24.56 -1.42
C VAL A 204 9.81 23.10 -1.03
N ASP A 205 9.98 22.19 -1.99
CA ASP A 205 9.83 20.79 -1.78
C ASP A 205 11.08 20.08 -2.22
N GLY A 206 11.57 19.26 -1.34
CA GLY A 206 12.71 18.45 -1.61
C GLY A 206 12.37 17.07 -2.14
N ASN A 207 11.10 16.73 -2.20
CA ASN A 207 10.67 15.37 -2.63
C ASN A 207 11.63 14.23 -2.30
N SER A 208 11.95 14.09 -1.00
CA SER A 208 12.64 12.92 -0.46
C SER A 208 14.12 12.87 -0.80
N CYS A 209 14.68 13.97 -1.28
CA CYS A 209 16.06 13.95 -1.75
C CYS A 209 17.12 13.67 -0.65
N TYR A 210 17.02 14.36 0.49
CA TYR A 210 18.23 14.57 1.31
C TYR A 210 18.39 13.67 2.51
N SER A 211 19.64 13.45 2.93
CA SER A 211 19.89 12.90 4.26
C SER A 211 19.68 14.06 5.28
N PRO A 212 19.48 13.76 6.58
CA PRO A 212 19.17 14.90 7.47
C PRO A 212 20.26 16.01 7.52
N ALA A 213 21.54 15.62 7.59
CA ALA A 213 22.68 16.60 7.57
C ALA A 213 22.64 17.53 6.38
N ARG A 214 22.48 16.99 5.17
CA ARG A 214 22.36 17.86 4.02
C ARG A 214 21.04 18.73 4.00
N ALA A 215 19.93 18.12 4.46
CA ALA A 215 18.61 18.85 4.42
C ALA A 215 18.72 20.07 5.40
N ILE A 216 19.50 19.86 6.49
CA ILE A 216 19.73 20.98 7.47
C ILE A 216 20.61 22.04 6.81
N GLU A 217 21.67 21.63 6.14
CA GLU A 217 22.42 22.60 5.32
C GLU A 217 21.54 23.39 4.37
N VAL A 218 20.73 22.69 3.57
CA VAL A 218 20.00 23.37 2.54
C VAL A 218 18.98 24.26 3.29
N GLY A 219 18.48 23.71 4.39
CA GLY A 219 17.38 24.41 5.18
C GLY A 219 17.90 25.77 5.78
N LYS A 220 19.17 25.84 6.17
CA LYS A 220 19.72 27.18 6.58
C LYS A 220 19.83 28.20 5.42
N LEU A 221 20.10 27.74 4.19
CA LEU A 221 20.04 28.63 3.03
C LEU A 221 18.60 29.08 2.73
N LEU A 222 17.61 28.16 2.94
CA LEU A 222 16.18 28.51 2.74
C LEU A 222 15.85 29.61 3.75
N GLN A 223 16.25 29.43 5.00
CA GLN A 223 15.96 30.46 6.05
C GLN A 223 16.59 31.85 5.68
N ASP A 224 17.82 31.85 5.18
CA ASP A 224 18.49 33.09 4.79
C ASP A 224 17.69 33.79 3.75
N ASN A 225 17.07 32.99 2.86
CA ASN A 225 16.21 33.54 1.85
C ASN A 225 14.70 33.75 2.16
N GLY A 226 14.33 33.60 3.41
CA GLY A 226 12.94 33.88 3.87
C GLY A 226 11.93 32.79 3.50
N ILE A 227 12.36 31.52 3.30
CA ILE A 227 11.47 30.41 2.86
C ILE A 227 11.03 29.78 4.13
N GLY A 228 9.72 29.77 4.34
CA GLY A 228 9.13 29.37 5.63
C GLY A 228 8.56 27.98 5.70
N HIS A 229 8.65 27.23 4.55
CA HIS A 229 8.03 25.88 4.39
C HIS A 229 9.01 24.97 3.62
N PHE A 230 9.46 23.89 4.26
CA PHE A 230 10.40 22.97 3.59
C PHE A 230 9.70 21.60 3.57
N GLU A 231 9.15 21.26 2.44
CA GLU A 231 8.40 19.99 2.29
C GLU A 231 9.28 18.80 1.92
N GLU A 232 8.94 17.66 2.54
CA GLU A 232 9.52 16.33 2.38
C GLU A 232 11.03 16.45 2.12
N PRO A 233 11.75 16.99 3.11
CA PRO A 233 13.20 17.17 2.92
C PRO A 233 14.00 15.80 2.86
N CYS A 234 13.54 14.76 3.58
CA CYS A 234 14.15 13.46 3.64
C CYS A 234 13.20 12.42 3.00
N PRO A 235 13.77 11.22 2.63
CA PRO A 235 12.82 10.13 2.20
C PRO A 235 11.63 10.10 3.17
N TYR A 236 10.41 10.16 2.60
CA TYR A 236 9.23 10.30 3.42
C TYR A 236 8.99 9.14 4.36
N TRP A 237 9.55 7.98 4.04
CA TRP A 237 9.35 6.75 4.88
C TRP A 237 10.43 6.68 5.97
N GLU A 238 11.36 7.64 6.04
CA GLU A 238 12.32 7.73 7.20
C GLU A 238 11.91 8.82 8.15
N TYR A 239 10.97 8.48 9.01
CA TYR A 239 10.34 9.44 9.84
C TYR A 239 11.35 10.12 10.82
N ASP A 240 12.31 9.35 11.32
CA ASP A 240 13.29 9.90 12.29
C ASP A 240 14.24 10.88 11.59
N GLN A 241 14.52 10.67 10.33
CA GLN A 241 15.31 11.62 9.59
C GLN A 241 14.58 12.97 9.45
N THR A 242 13.32 12.91 9.08
CA THR A 242 12.52 14.10 8.92
C THR A 242 12.40 14.81 10.27
N ALA A 243 12.22 14.06 11.34
CA ALA A 243 12.09 14.64 12.66
C ALA A 243 13.37 15.36 13.04
N ALA A 244 14.51 14.81 12.72
CA ALA A 244 15.82 15.51 12.94
C ALA A 244 15.91 16.86 12.25
N VAL A 245 15.40 16.95 11.03
CA VAL A 245 15.39 18.19 10.29
C VAL A 245 14.42 19.20 10.93
N ARG A 246 13.21 18.75 11.22
CA ARG A 246 12.22 19.56 11.89
C ARG A 246 12.76 20.09 13.26
N ALA A 247 13.49 19.23 13.96
CA ALA A 247 14.09 19.71 15.24
C ALA A 247 15.18 20.81 15.11
N ALA A 248 15.95 20.76 14.07
CA ALA A 248 17.02 21.71 13.85
C ALA A 248 16.60 22.99 13.12
N LEU A 249 15.46 23.02 12.42
CA LEU A 249 15.15 24.24 11.64
C LEU A 249 14.06 24.99 12.28
N LEU A 250 14.08 26.28 12.02
CA LEU A 250 13.02 27.07 12.54
C LEU A 250 11.94 27.12 11.57
N LEU A 251 12.21 26.90 10.25
CA LEU A 251 11.08 26.98 9.30
C LEU A 251 10.19 25.75 9.58
N ASP A 252 9.00 25.67 8.95
CA ASP A 252 8.04 24.53 9.09
C ASP A 252 8.49 23.41 8.11
N VAL A 253 8.72 22.23 8.65
CA VAL A 253 8.92 21.05 7.84
C VAL A 253 7.53 20.42 7.68
N ALA A 254 7.14 20.14 6.39
CA ALA A 254 5.75 19.69 6.07
C ALA A 254 5.92 18.33 5.34
N GLY A 255 4.90 17.47 5.41
CA GLY A 255 5.01 16.20 4.77
C GLY A 255 3.75 15.38 4.89
N GLY A 256 3.67 14.32 4.08
CA GLY A 256 2.60 13.29 4.18
C GLY A 256 1.89 12.98 2.86
N GLU A 257 2.21 13.68 1.79
CA GLU A 257 1.60 13.46 0.44
C GLU A 257 1.40 11.99 0.12
N GLN A 258 2.41 11.15 0.40
CA GLN A 258 2.32 9.75 0.02
C GLN A 258 1.84 8.84 1.18
N ASP A 259 1.48 9.44 2.32
CA ASP A 259 1.02 8.60 3.43
C ASP A 259 -0.44 8.31 3.26
N CYS A 260 -0.84 7.02 3.16
CA CYS A 260 -2.24 6.76 2.89
C CYS A 260 -2.97 5.85 3.91
N GLU A 261 -2.23 5.31 4.87
CA GLU A 261 -2.80 4.43 5.91
C GLU A 261 -2.61 5.11 7.27
N TYR A 262 -3.60 5.03 8.14
CA TYR A 262 -3.55 5.66 9.46
C TYR A 262 -2.30 5.25 10.32
N SER A 263 -1.85 4.02 10.17
CA SER A 263 -0.72 3.55 10.95
C SER A 263 0.48 4.38 10.59
N SER A 264 0.70 4.73 9.32
CA SER A 264 1.88 5.56 9.03
C SER A 264 1.74 7.07 9.45
N TRP A 265 0.53 7.61 9.39
CA TRP A 265 0.23 8.95 9.92
C TRP A 265 0.54 8.98 11.42
N GLN A 266 0.18 7.91 12.09
CA GLN A 266 0.43 7.70 13.52
C GLN A 266 1.88 7.71 13.87
N LEU A 267 2.67 6.89 13.22
CA LEU A 267 4.08 6.87 13.46
C LEU A 267 4.68 8.26 13.18
N MET A 268 4.29 8.88 12.09
CA MET A 268 4.76 10.25 11.73
C MET A 268 4.56 11.24 12.93
N LEU A 269 3.36 11.27 13.45
CA LEU A 269 2.98 12.13 14.54
C LEU A 269 3.67 11.75 15.85
N ASP A 270 3.80 10.46 16.11
CA ASP A 270 4.42 9.92 17.31
C ASP A 270 5.87 10.34 17.38
N ARG A 271 6.54 10.32 16.25
CA ARG A 271 7.91 10.70 16.10
C ARG A 271 8.14 12.21 15.96
N GLY A 272 7.07 12.98 15.89
CA GLY A 272 7.13 14.41 15.70
C GLY A 272 7.88 14.79 14.46
N ALA A 273 7.61 14.09 13.37
CA ALA A 273 8.27 14.34 12.11
C ALA A 273 8.03 15.72 11.44
N VAL A 274 6.83 16.22 11.52
CA VAL A 274 6.45 17.40 10.80
C VAL A 274 5.78 18.50 11.62
N ASP A 275 5.97 19.72 11.21
CA ASP A 275 5.19 20.84 11.71
C ASP A 275 3.80 21.00 11.03
N ILE A 276 3.69 20.48 9.77
CA ILE A 276 2.46 20.69 8.94
C ILE A 276 2.15 19.39 8.18
N VAL A 277 0.92 18.87 8.26
CA VAL A 277 0.59 17.54 7.61
C VAL A 277 -0.04 17.86 6.24
N GLN A 278 0.17 16.96 5.26
CA GLN A 278 -0.16 17.32 3.86
C GLN A 278 -0.73 16.12 3.20
N PRO A 279 -1.87 15.57 3.73
CA PRO A 279 -2.48 14.43 3.05
C PRO A 279 -2.91 14.90 1.64
N ASP A 280 -3.15 13.97 0.77
CA ASP A 280 -3.69 14.23 -0.54
C ASP A 280 -5.00 13.51 -0.58
N VAL A 281 -6.09 14.24 -0.90
CA VAL A 281 -7.46 13.64 -0.79
C VAL A 281 -7.53 12.29 -1.58
N MET A 282 -6.98 12.32 -2.78
CA MET A 282 -7.15 11.20 -3.75
C MET A 282 -6.21 10.06 -3.36
N TYR A 283 -4.97 10.31 -2.87
CA TYR A 283 -4.15 9.18 -2.42
C TYR A 283 -4.65 8.59 -1.10
N MET A 284 -5.36 9.40 -0.35
CA MET A 284 -5.83 8.96 1.01
C MET A 284 -7.04 8.00 0.93
N GLY A 285 -7.79 8.05 -0.19
CA GLY A 285 -9.05 7.27 -0.20
C GLY A 285 -10.30 8.12 -0.07
N GLY A 286 -10.17 9.46 -0.03
CA GLY A 286 -11.34 10.34 -0.24
C GLY A 286 -11.53 11.24 0.98
N MET A 287 -12.70 11.89 1.08
CA MET A 287 -12.88 12.97 2.10
C MET A 287 -12.96 12.41 3.54
N HIS A 288 -13.71 11.35 3.74
CA HIS A 288 -13.85 10.81 5.11
C HIS A 288 -12.46 10.49 5.63
N ARG A 289 -11.63 9.81 4.83
CA ARG A 289 -10.33 9.41 5.31
C ARG A 289 -9.43 10.60 5.51
N THR A 290 -9.51 11.60 4.62
CA THR A 290 -8.66 12.79 4.81
C THR A 290 -9.06 13.56 6.15
N LEU A 291 -10.36 13.69 6.36
CA LEU A 291 -10.92 14.26 7.60
C LEU A 291 -10.39 13.56 8.85
N GLN A 292 -10.21 12.24 8.81
CA GLN A 292 -9.63 11.47 9.91
C GLN A 292 -8.16 11.92 10.16
N VAL A 293 -7.38 12.11 9.08
CA VAL A 293 -6.07 12.68 9.21
C VAL A 293 -6.10 14.11 9.79
N CYS A 294 -7.02 14.94 9.34
CA CYS A 294 -7.06 16.33 9.83
C CYS A 294 -7.29 16.36 11.36
N GLN A 295 -8.08 15.38 11.80
CA GLN A 295 -8.51 15.28 13.22
C GLN A 295 -7.39 14.69 14.04
N MET A 296 -6.60 13.77 13.50
CA MET A 296 -5.31 13.38 14.11
C MET A 296 -4.31 14.54 14.25
N ALA A 297 -4.16 15.32 13.18
CA ALA A 297 -3.31 16.52 13.23
C ALA A 297 -3.84 17.49 14.29
N ALA A 298 -5.14 17.66 14.36
CA ALA A 298 -5.76 18.64 15.30
C ALA A 298 -5.44 18.23 16.77
N ARG A 299 -5.60 16.95 17.09
CA ARG A 299 -5.12 16.39 18.36
C ARG A 299 -3.66 16.59 18.64
N ALA A 300 -2.81 16.53 17.63
CA ALA A 300 -1.43 16.81 17.82
C ALA A 300 -1.13 18.29 17.75
N GLY A 301 -2.12 19.14 17.59
CA GLY A 301 -1.87 20.54 17.45
C GLY A 301 -1.20 21.10 16.18
N LEU A 302 -1.39 20.42 15.05
CA LEU A 302 -0.79 20.74 13.78
C LEU A 302 -1.81 21.13 12.70
N PRO A 303 -1.45 22.11 11.88
CA PRO A 303 -2.27 22.54 10.76
C PRO A 303 -2.22 21.58 9.57
N VAL A 304 -3.19 21.67 8.68
CA VAL A 304 -3.27 20.79 7.54
C VAL A 304 -3.11 21.67 6.29
N THR A 305 -2.06 21.35 5.52
CA THR A 305 -1.92 22.09 4.22
C THR A 305 -1.87 20.98 3.14
N PRO A 306 -3.03 20.56 2.63
CA PRO A 306 -3.11 19.32 1.78
C PRO A 306 -2.32 19.45 0.44
N HIS A 307 -1.97 18.31 -0.13
CA HIS A 307 -1.20 18.25 -1.38
C HIS A 307 -2.26 18.11 -2.47
N ALA A 308 -2.13 18.89 -3.57
CA ALA A 308 -3.02 18.81 -4.72
C ALA A 308 -2.11 19.24 -5.86
N ALA A 309 -1.75 18.34 -6.74
CA ALA A 309 -0.65 18.70 -7.66
C ALA A 309 -1.07 18.80 -9.12
N ASN A 310 -2.38 18.73 -9.40
CA ASN A 310 -2.87 18.92 -10.74
C ASN A 310 -4.28 19.43 -10.74
N LEU A 311 -4.77 19.84 -11.92
CA LEU A 311 -6.11 20.34 -12.02
C LEU A 311 -7.13 19.29 -12.47
N SER A 312 -6.92 18.03 -11.99
CA SER A 312 -8.05 17.13 -12.00
C SER A 312 -9.01 17.53 -10.87
N LEU A 313 -9.94 16.68 -10.46
CA LEU A 313 -10.88 17.04 -9.40
C LEU A 313 -10.14 17.26 -8.01
N VAL A 314 -8.97 16.67 -7.86
CA VAL A 314 -8.26 16.76 -6.57
C VAL A 314 -8.19 18.23 -6.06
N THR A 315 -7.97 19.19 -6.95
CA THR A 315 -7.87 20.54 -6.49
C THR A 315 -9.23 21.05 -5.93
N MET A 316 -10.30 20.82 -6.61
CA MET A 316 -11.66 21.23 -6.11
C MET A 316 -12.01 20.49 -4.80
N CYS A 317 -11.64 19.21 -4.69
CA CYS A 317 -11.94 18.51 -3.37
C CYS A 317 -11.17 19.18 -2.23
N THR A 318 -9.87 19.49 -2.52
CA THR A 318 -9.06 20.21 -1.56
C THR A 318 -9.67 21.58 -1.17
N MET A 319 -10.18 22.32 -2.15
CA MET A 319 -10.78 23.60 -1.86
C MET A 319 -11.98 23.45 -0.89
N HIS A 320 -12.89 22.49 -1.15
CA HIS A 320 -14.03 22.25 -0.27
C HIS A 320 -13.53 21.81 1.07
N LEU A 321 -12.51 20.97 1.12
CA LEU A 321 -12.00 20.58 2.44
C LEU A 321 -11.44 21.80 3.21
N LEU A 322 -10.66 22.68 2.54
CA LEU A 322 -10.07 23.86 3.28
C LEU A 322 -11.15 24.86 3.73
N ARG A 323 -12.28 24.89 3.03
CA ARG A 323 -13.43 25.70 3.46
C ARG A 323 -14.16 25.12 4.70
N ALA A 324 -13.78 23.96 5.19
CA ALA A 324 -14.58 23.34 6.20
C ALA A 324 -13.77 22.98 7.44
N ILE A 325 -12.48 22.64 7.30
CA ILE A 325 -11.78 22.06 8.48
C ILE A 325 -11.39 23.18 9.49
N PRO A 326 -11.37 22.84 10.82
CA PRO A 326 -11.02 23.95 11.76
C PRO A 326 -9.53 24.26 11.82
N ASN A 327 -8.69 23.38 11.25
CA ASN A 327 -7.23 23.54 11.46
C ASN A 327 -6.49 23.65 10.10
N ALA A 328 -7.02 24.41 9.16
CA ALA A 328 -6.42 24.58 7.81
C ALA A 328 -5.12 25.34 7.91
N GLY A 329 -4.06 24.94 7.19
CA GLY A 329 -2.94 25.84 7.08
C GLY A 329 -3.22 27.06 6.19
N LYS A 330 -2.21 27.57 5.54
CA LYS A 330 -2.22 28.93 4.97
C LYS A 330 -2.84 29.07 3.60
N TYR A 331 -2.94 27.97 2.87
CA TYR A 331 -3.18 28.09 1.48
C TYR A 331 -3.42 26.74 0.79
N LEU A 332 -4.09 26.83 -0.34
CA LEU A 332 -4.33 25.72 -1.23
C LEU A 332 -3.15 25.54 -2.18
N GLU A 333 -2.61 24.33 -2.30
CA GLU A 333 -1.65 24.05 -3.42
C GLU A 333 -2.33 24.19 -4.78
N PHE A 334 -1.86 25.12 -5.64
CA PHE A 334 -2.47 25.32 -7.00
C PHE A 334 -1.43 25.09 -8.10
N SER A 335 -1.52 23.99 -8.87
CA SER A 335 -0.50 23.71 -9.84
C SER A 335 -0.59 24.81 -10.94
N ILE A 336 0.50 25.47 -11.21
CA ILE A 336 0.50 26.50 -12.26
C ILE A 336 1.04 25.96 -13.61
N GLU A 337 1.27 24.66 -13.71
CA GLU A 337 1.90 24.09 -14.91
C GLU A 337 0.86 24.17 -16.01
N GLY A 338 1.29 24.51 -17.20
CA GLY A 338 0.30 24.58 -18.29
C GLY A 338 0.01 23.27 -19.03
N PRO A 339 -0.78 23.41 -20.10
CA PRO A 339 -1.20 22.33 -20.97
C PRO A 339 0.00 21.57 -21.59
N GLU A 340 1.14 22.20 -21.70
CA GLU A 340 2.34 21.59 -22.19
C GLU A 340 2.86 20.52 -21.24
N TYR A 341 2.61 20.68 -19.94
CA TYR A 341 3.15 19.76 -18.99
C TYR A 341 2.11 18.67 -18.54
N TYR A 342 0.84 19.06 -18.41
CA TYR A 342 -0.29 18.15 -18.16
C TYR A 342 -1.31 18.28 -19.31
N PRO A 343 -0.94 17.77 -20.52
CA PRO A 343 -1.92 17.93 -21.61
C PRO A 343 -3.19 17.18 -21.30
N TRP A 344 -3.09 16.09 -20.54
CA TRP A 344 -4.28 15.30 -20.19
C TRP A 344 -5.31 15.97 -19.24
N GLN A 345 -4.96 17.04 -18.56
CA GLN A 345 -5.97 17.70 -17.70
C GLN A 345 -6.78 18.81 -18.46
N GLU A 346 -6.42 19.09 -19.72
CA GLU A 346 -7.18 20.07 -20.55
C GLU A 346 -8.50 19.48 -21.08
N GLY A 347 -9.60 20.21 -20.90
CA GLY A 347 -10.90 19.72 -21.31
C GLY A 347 -11.57 18.72 -20.36
N LEU A 348 -11.08 18.55 -19.13
CA LEU A 348 -11.79 17.66 -18.21
C LEU A 348 -13.11 18.25 -17.83
N PHE A 349 -13.13 19.57 -17.52
CA PHE A 349 -14.33 20.18 -16.96
C PHE A 349 -14.84 21.30 -17.92
N LEU A 350 -16.12 21.58 -17.87
CA LEU A 350 -16.70 22.73 -18.59
C LEU A 350 -16.58 23.98 -17.71
N GLY A 351 -16.59 25.17 -18.34
CA GLY A 351 -16.52 26.42 -17.54
C GLY A 351 -15.12 26.72 -16.95
N ASP A 352 -15.03 27.36 -15.84
CA ASP A 352 -13.70 27.73 -15.43
C ASP A 352 -13.69 27.53 -13.90
N PRO A 353 -13.82 26.27 -13.44
CA PRO A 353 -13.90 26.05 -11.96
C PRO A 353 -12.61 26.47 -11.20
N TYR A 354 -11.48 26.51 -11.90
CA TYR A 354 -10.20 26.90 -11.29
C TYR A 354 -9.72 28.31 -11.62
N ARG A 355 -10.65 29.20 -11.88
CA ARG A 355 -10.31 30.59 -12.06
C ARG A 355 -9.65 31.13 -10.80
N ILE A 356 -8.59 31.89 -10.98
CA ILE A 356 -7.89 32.54 -9.91
C ILE A 356 -8.01 34.04 -10.08
N GLU A 357 -8.40 34.71 -9.02
CA GLU A 357 -8.42 36.16 -8.93
C GLU A 357 -7.79 36.59 -7.61
N GLY A 358 -6.85 37.49 -7.69
CA GLY A 358 -6.18 37.97 -6.48
C GLY A 358 -5.56 36.85 -5.65
N GLY A 359 -5.02 35.83 -6.32
CA GLY A 359 -4.32 34.72 -5.60
C GLY A 359 -5.29 33.78 -4.90
N GLN A 360 -6.60 33.90 -5.20
CA GLN A 360 -7.58 33.05 -4.58
C GLN A 360 -8.43 32.25 -5.58
N ALA A 361 -8.72 31.00 -5.23
CA ALA A 361 -9.75 30.20 -5.93
C ALA A 361 -11.11 30.40 -5.19
N ILE A 362 -12.14 29.85 -5.75
CA ILE A 362 -13.46 30.07 -5.18
C ILE A 362 -14.23 28.77 -5.11
N VAL A 363 -14.78 28.45 -3.95
CA VAL A 363 -15.83 27.42 -3.86
C VAL A 363 -17.18 28.18 -4.01
N THR A 364 -17.90 27.89 -5.10
CA THR A 364 -19.21 28.50 -5.42
C THR A 364 -20.34 27.84 -4.59
N ASP A 365 -21.58 28.35 -4.75
CA ASP A 365 -22.77 27.74 -4.18
C ASP A 365 -23.31 26.56 -4.93
N ALA A 366 -22.71 26.23 -6.07
CA ALA A 366 -23.16 25.09 -6.93
C ALA A 366 -23.22 23.79 -6.08
N PRO A 367 -24.25 22.97 -6.21
CA PRO A 367 -24.32 21.75 -5.33
C PRO A 367 -23.22 20.73 -5.61
N GLY A 368 -22.92 19.86 -4.62
CA GLY A 368 -21.82 18.87 -4.72
C GLY A 368 -20.50 19.59 -4.93
N TRP A 369 -19.66 19.12 -5.86
CA TRP A 369 -18.36 19.66 -6.07
C TRP A 369 -18.44 20.92 -6.85
N GLY A 370 -19.60 21.14 -7.44
CA GLY A 370 -19.79 22.33 -8.30
C GLY A 370 -19.04 22.30 -9.62
N VAL A 371 -18.86 21.12 -10.23
CA VAL A 371 -18.03 21.08 -11.43
C VAL A 371 -18.81 20.22 -12.40
N GLU A 372 -18.65 20.43 -13.69
CA GLU A 372 -19.34 19.59 -14.67
C GLU A 372 -18.29 18.99 -15.58
N ILE A 373 -18.22 17.64 -15.59
CA ILE A 373 -17.22 16.96 -16.41
C ILE A 373 -17.75 17.05 -17.82
N SER A 374 -16.88 17.33 -18.76
CA SER A 374 -17.34 17.42 -20.12
C SER A 374 -17.79 16.07 -20.69
N PRO A 375 -18.98 16.03 -21.32
CA PRO A 375 -19.35 14.83 -22.08
C PRO A 375 -18.38 14.56 -23.25
N THR A 376 -17.64 15.51 -23.81
CA THR A 376 -16.64 15.17 -24.84
C THR A 376 -15.55 14.19 -24.31
N TRP A 377 -15.07 14.52 -23.14
CA TRP A 377 -14.01 13.62 -22.58
C TRP A 377 -14.61 12.23 -22.22
N LEU A 378 -15.79 12.21 -21.63
CA LEU A 378 -16.45 10.98 -21.29
C LEU A 378 -16.71 10.12 -22.46
N ASP A 379 -17.00 10.77 -23.60
CA ASP A 379 -17.42 10.04 -24.80
C ASP A 379 -16.30 9.15 -25.29
N SER A 380 -15.06 9.52 -25.18
CA SER A 380 -14.11 8.62 -25.74
C SER A 380 -13.27 7.94 -24.64
N ALA A 381 -13.76 8.02 -23.40
CA ALA A 381 -13.08 7.34 -22.26
C ALA A 381 -13.41 5.84 -22.26
N THR A 382 -12.57 5.00 -21.56
CA THR A 382 -12.85 3.59 -21.36
C THR A 382 -13.93 3.45 -20.33
N TYR A 383 -15.04 2.77 -20.67
CA TYR A 383 -16.20 2.65 -19.80
C TYR A 383 -16.23 1.31 -19.08
N GLN A 384 -16.61 1.26 -17.79
CA GLN A 384 -16.86 0.01 -17.15
C GLN A 384 -17.93 0.16 -16.10
N VAL A 385 -18.80 -0.83 -15.94
CA VAL A 385 -19.89 -0.64 -15.00
C VAL A 385 -20.06 -1.81 -14.04
N SER A 386 -20.43 -1.54 -12.78
CA SER A 386 -20.85 -2.61 -11.88
C SER A 386 -22.24 -2.28 -11.36
N GLU A 387 -23.14 -3.27 -11.32
CA GLU A 387 -24.51 -3.03 -10.79
C GLU A 387 -25.14 -4.20 -10.08
N ARG A 388 -26.07 -3.88 -9.16
CA ARG A 388 -27.15 -4.75 -8.55
C ARG A 388 -27.32 -4.50 -7.03
N MET B 23 26.53 -9.13 -16.69
CA MET B 23 25.22 -9.73 -17.16
C MET B 23 24.01 -8.82 -16.80
N ARG B 24 23.32 -8.35 -17.83
CA ARG B 24 22.22 -7.41 -17.60
C ARG B 24 20.91 -8.11 -17.91
N ILE B 25 19.83 -7.57 -17.35
CA ILE B 25 18.49 -8.05 -17.62
C ILE B 25 18.04 -7.56 -18.99
N ALA B 26 17.64 -8.48 -19.82
CA ALA B 26 17.21 -8.19 -21.18
C ALA B 26 15.72 -8.27 -21.46
N ARG B 27 15.08 -9.25 -20.87
CA ARG B 27 13.67 -9.47 -21.08
C ARG B 27 12.93 -9.94 -19.80
N LEU B 28 11.68 -9.55 -19.63
CA LEU B 28 10.85 -10.04 -18.56
C LEU B 28 9.47 -10.41 -19.08
N GLU B 29 9.07 -11.65 -18.87
CA GLU B 29 7.76 -12.05 -19.38
C GLU B 29 6.91 -12.46 -18.21
N THR B 30 5.61 -12.23 -18.30
CA THR B 30 4.70 -12.82 -17.32
C THR B 30 3.68 -13.71 -18.03
N PHE B 31 3.23 -14.74 -17.30
CA PHE B 31 2.17 -15.63 -17.74
C PHE B 31 1.14 -15.66 -16.60
N CYS B 32 -0.14 -15.22 -16.84
CA CYS B 32 -1.00 -15.18 -15.64
C CYS B 32 -2.37 -15.66 -15.89
N ASN B 33 -3.08 -16.01 -14.85
CA ASN B 33 -4.54 -15.91 -14.83
C ASN B 33 -4.97 -14.98 -13.66
N GLU B 34 -6.18 -15.05 -13.14
CA GLU B 34 -6.56 -14.20 -12.00
C GLU B 34 -5.88 -14.59 -10.69
N PHE B 35 -5.46 -15.82 -10.63
CA PHE B 35 -4.93 -16.34 -9.37
C PHE B 35 -3.43 -16.35 -9.23
N VAL B 36 -2.72 -16.59 -10.31
CA VAL B 36 -1.24 -16.67 -10.23
C VAL B 36 -0.59 -16.20 -11.49
N GLY B 37 0.62 -15.73 -11.36
CA GLY B 37 1.38 -15.15 -12.49
C GLY B 37 2.80 -15.54 -12.30
N PHE B 38 3.36 -16.22 -13.29
CA PHE B 38 4.76 -16.55 -13.32
C PHE B 38 5.55 -15.56 -14.17
N VAL B 39 6.83 -15.41 -13.85
CA VAL B 39 7.73 -14.46 -14.47
C VAL B 39 8.95 -15.19 -14.97
N ARG B 40 9.25 -14.98 -16.26
CA ARG B 40 10.52 -15.45 -16.80
C ARG B 40 11.45 -14.27 -17.07
N VAL B 41 12.68 -14.34 -16.54
CA VAL B 41 13.72 -13.36 -16.77
C VAL B 41 14.71 -13.96 -17.75
N THR B 42 15.17 -13.15 -18.69
CA THR B 42 16.31 -13.53 -19.60
C THR B 42 17.39 -12.43 -19.58
N THR B 43 18.61 -12.85 -19.40
CA THR B 43 19.72 -11.95 -19.37
C THR B 43 20.27 -11.74 -20.78
N ASP B 44 21.21 -10.82 -20.89
CA ASP B 44 21.86 -10.55 -22.16
C ASP B 44 22.61 -11.77 -22.63
N SER B 45 23.05 -12.61 -21.72
CA SER B 45 23.73 -13.87 -22.05
C SER B 45 22.79 -14.99 -22.48
N GLY B 46 21.50 -14.77 -22.40
CA GLY B 46 20.50 -15.80 -22.58
C GLY B 46 20.14 -16.61 -21.34
N ALA B 47 20.77 -16.37 -20.21
CA ALA B 47 20.53 -17.18 -18.99
C ALA B 47 19.10 -16.85 -18.53
N GLN B 48 18.34 -17.86 -18.04
CA GLN B 48 16.93 -17.67 -17.70
C GLN B 48 16.63 -18.16 -16.28
N GLY B 49 15.55 -17.61 -15.72
CA GLY B 49 15.05 -18.09 -14.42
C GLY B 49 13.55 -17.80 -14.38
N TRP B 50 12.86 -18.46 -13.45
CA TRP B 50 11.42 -18.35 -13.30
C TRP B 50 11.11 -17.98 -11.83
N GLY B 51 10.19 -17.03 -11.71
CA GLY B 51 9.72 -16.60 -10.39
C GLY B 51 8.25 -16.48 -10.48
N GLN B 52 7.65 -15.81 -9.49
CA GLN B 52 6.18 -15.70 -9.44
C GLN B 52 5.84 -14.44 -8.70
N VAL B 53 4.83 -13.71 -9.18
CA VAL B 53 4.34 -12.59 -8.42
C VAL B 53 3.41 -13.15 -7.33
N SER B 54 3.02 -12.33 -6.38
CA SER B 54 2.08 -12.80 -5.40
C SER B 54 0.82 -13.42 -6.08
N THR B 55 0.29 -14.50 -5.48
CA THR B 55 -1.10 -14.92 -5.77
C THR B 55 -2.14 -13.85 -5.43
N TYR B 56 -3.28 -13.99 -6.11
CA TYR B 56 -4.56 -13.31 -6.00
C TYR B 56 -4.55 -12.08 -6.79
N ASN B 57 -5.60 -11.87 -7.61
CA ASN B 57 -5.57 -10.72 -8.47
C ASN B 57 -4.27 -10.54 -9.26
N ALA B 58 -3.71 -11.69 -9.61
CA ALA B 58 -2.43 -11.83 -10.28
C ALA B 58 -2.44 -11.11 -11.62
N ASP B 59 -3.58 -11.07 -12.29
CA ASP B 59 -3.69 -10.38 -13.56
C ASP B 59 -3.43 -8.88 -13.35
N ILE B 60 -4.03 -8.31 -12.32
CA ILE B 60 -3.80 -6.90 -12.05
C ILE B 60 -2.34 -6.68 -11.69
N THR B 61 -1.83 -7.54 -10.82
CA THR B 61 -0.37 -7.51 -10.51
C THR B 61 0.57 -7.55 -11.74
N CYS B 62 0.22 -8.37 -12.75
CA CYS B 62 1.11 -8.42 -13.90
C CYS B 62 1.01 -7.23 -14.76
N THR B 63 -0.14 -6.57 -14.81
CA THR B 63 -0.23 -5.29 -15.53
C THR B 63 0.68 -4.24 -14.85
N ILE B 64 0.66 -4.27 -13.53
CA ILE B 64 1.51 -3.42 -12.69
C ILE B 64 2.98 -3.73 -12.88
N PHE B 65 3.31 -4.99 -13.02
CA PHE B 65 4.69 -5.40 -13.19
C PHE B 65 5.25 -4.81 -14.48
N HIS B 66 4.50 -4.86 -15.56
CA HIS B 66 4.93 -4.27 -16.82
C HIS B 66 4.94 -2.74 -16.77
N ARG B 67 4.01 -2.18 -16.05
CA ARG B 67 3.89 -0.70 -15.96
C ARG B 67 4.98 -0.11 -15.07
N GLN B 68 5.35 -0.78 -13.98
CA GLN B 68 6.05 -0.10 -12.90
C GLN B 68 7.22 -0.89 -12.33
N ILE B 69 7.38 -2.16 -12.68
CA ILE B 69 8.59 -2.86 -12.22
C ILE B 69 9.60 -2.98 -13.41
N ALA B 70 9.12 -3.60 -14.50
CA ALA B 70 9.96 -3.92 -15.68
C ALA B 70 10.72 -2.71 -16.28
N PRO B 71 10.07 -1.53 -16.46
CA PRO B 71 10.83 -0.41 -17.08
C PRO B 71 12.08 0.01 -16.30
N HIS B 72 12.09 -0.15 -14.96
CA HIS B 72 13.21 0.17 -14.13
C HIS B 72 14.28 -0.97 -14.06
N ALA B 73 13.86 -2.19 -14.29
CA ALA B 73 14.77 -3.35 -14.11
C ALA B 73 15.50 -3.72 -15.44
N LEU B 74 14.82 -3.56 -16.60
CA LEU B 74 15.46 -3.86 -17.91
C LEU B 74 16.82 -3.13 -17.99
N GLY B 75 17.90 -3.82 -18.37
CA GLY B 75 19.20 -3.16 -18.48
C GLY B 75 20.04 -3.06 -17.25
N THR B 76 19.55 -3.48 -16.07
CA THR B 76 20.37 -3.36 -14.86
C THR B 76 21.07 -4.74 -14.58
N ASP B 77 21.97 -4.78 -13.60
CA ASP B 77 22.80 -5.95 -13.19
C ASP B 77 21.90 -7.11 -12.72
N ALA B 78 21.89 -8.23 -13.46
CA ALA B 78 21.08 -9.35 -13.05
C ALA B 78 21.68 -10.14 -11.88
N LEU B 79 22.94 -9.85 -11.51
CA LEU B 79 23.57 -10.64 -10.44
C LEU B 79 23.64 -9.90 -9.14
N ASP B 80 23.32 -8.62 -9.09
CA ASP B 80 23.47 -7.89 -7.82
C ASP B 80 22.36 -6.87 -7.91
N PHE B 81 21.20 -7.23 -7.36
CA PHE B 81 20.03 -6.45 -7.66
C PHE B 81 19.31 -5.90 -6.40
N ALA B 82 19.85 -6.11 -5.19
CA ALA B 82 19.25 -5.53 -3.96
C ALA B 82 19.00 -4.02 -4.07
N ASP B 83 20.01 -3.27 -4.53
CA ASP B 83 19.83 -1.84 -4.69
C ASP B 83 18.86 -1.50 -5.80
N THR B 84 18.85 -2.29 -6.88
CA THR B 84 17.86 -2.02 -7.95
C THR B 84 16.36 -2.11 -7.45
N LEU B 85 16.08 -3.04 -6.54
CA LEU B 85 14.70 -3.09 -5.91
C LEU B 85 14.45 -1.77 -5.12
N ASP B 86 15.41 -1.31 -4.30
CA ASP B 86 15.25 0.01 -3.65
C ASP B 86 15.02 1.15 -4.65
N LEU B 87 15.79 1.19 -5.73
CA LEU B 87 15.56 2.14 -6.81
C LEU B 87 14.20 2.08 -7.43
N ILE B 88 13.72 0.88 -7.72
CA ILE B 88 12.40 0.82 -8.25
C ILE B 88 11.37 1.53 -7.33
N TYR B 89 11.43 1.22 -6.02
CA TYR B 89 10.49 1.85 -5.11
C TYR B 89 10.69 3.38 -5.20
N GLU B 90 11.95 3.87 -5.18
CA GLU B 90 12.20 5.33 -5.31
C GLU B 90 11.67 5.95 -6.54
N ARG B 91 11.67 5.23 -7.67
CA ARG B 91 11.10 5.82 -8.93
C ARG B 91 9.56 5.71 -8.86
N GLU B 92 9.03 4.73 -8.08
CA GLU B 92 7.57 4.57 -7.98
C GLU B 92 7.11 5.00 -6.53
N LEU B 93 7.72 6.03 -5.98
CA LEU B 93 7.53 6.35 -4.56
C LEU B 93 6.08 6.75 -4.19
N LYS B 94 5.30 7.14 -5.18
CA LYS B 94 3.90 7.47 -4.99
C LYS B 94 3.01 6.24 -4.74
N TYR B 95 3.56 5.06 -4.93
CA TYR B 95 2.87 3.80 -4.86
C TYR B 95 3.26 2.85 -3.67
N PRO B 96 3.30 3.34 -2.44
CA PRO B 96 3.71 2.41 -1.37
C PRO B 96 2.63 1.34 -1.12
N GLY B 97 3.02 0.15 -0.70
CA GLY B 97 2.04 -0.79 -0.11
C GLY B 97 1.92 -2.03 -1.06
N SER B 98 0.84 -2.77 -0.96
CA SER B 98 0.82 -4.09 -1.45
C SER B 98 1.04 -4.40 -2.94
N TYR B 99 0.34 -3.74 -3.85
CA TYR B 99 0.40 -4.17 -5.23
C TYR B 99 1.79 -4.05 -5.84
N LEU B 100 2.52 -2.98 -5.54
CA LEU B 100 3.87 -2.80 -6.05
C LEU B 100 4.76 -3.92 -5.56
N ARG B 101 4.58 -4.30 -4.29
CA ARG B 101 5.41 -5.40 -3.80
C ARG B 101 4.98 -6.74 -4.39
N ARG B 102 3.65 -6.94 -4.49
CA ARG B 102 3.23 -8.21 -5.12
C ARG B 102 3.93 -8.41 -6.48
N ALA B 103 3.97 -7.33 -7.27
CA ALA B 103 4.68 -7.32 -8.60
C ALA B 103 6.18 -7.48 -8.49
N MET B 104 6.81 -6.74 -7.57
CA MET B 104 8.24 -6.84 -7.36
C MET B 104 8.73 -8.24 -6.97
N THR B 105 7.91 -9.02 -6.25
CA THR B 105 8.37 -10.40 -5.88
C THR B 105 8.66 -11.17 -7.19
N GLY B 106 7.95 -10.89 -8.25
CA GLY B 106 8.16 -11.63 -9.44
C GLY B 106 9.55 -11.45 -10.00
N LEU B 107 10.04 -10.22 -9.98
CA LEU B 107 11.39 -9.94 -10.40
C LEU B 107 12.43 -10.58 -9.51
N ASP B 108 12.21 -10.45 -8.23
CA ASP B 108 13.16 -10.92 -7.26
C ASP B 108 13.25 -12.43 -7.35
N THR B 109 12.13 -13.08 -7.38
CA THR B 109 12.22 -14.54 -7.35
C THR B 109 12.77 -15.12 -8.65
N ALA B 110 12.43 -14.50 -9.79
CA ALA B 110 12.93 -14.98 -11.10
C ALA B 110 14.45 -14.86 -11.13
N LEU B 111 14.94 -13.74 -10.61
CA LEU B 111 16.40 -13.54 -10.55
C LEU B 111 17.15 -14.49 -9.62
N TRP B 112 16.59 -14.81 -8.45
CA TRP B 112 17.24 -15.80 -7.61
C TRP B 112 17.29 -17.14 -8.33
N ASP B 113 16.18 -17.56 -8.95
CA ASP B 113 16.13 -18.83 -9.67
C ASP B 113 17.19 -18.82 -10.79
N MET B 114 17.23 -17.72 -11.53
CA MET B 114 18.27 -17.51 -12.57
C MET B 114 19.70 -17.70 -12.05
N ARG B 115 20.05 -17.04 -10.97
CA ARG B 115 21.39 -17.21 -10.49
C ARG B 115 21.65 -18.61 -9.88
N GLY B 116 20.62 -19.25 -9.31
CA GLY B 116 20.79 -20.61 -8.78
C GLY B 116 21.12 -21.54 -9.98
N LYS B 117 20.41 -21.38 -11.09
CA LYS B 117 20.69 -22.19 -12.29
C LYS B 117 22.07 -21.93 -12.89
N LEU B 118 22.52 -20.69 -12.87
CA LEU B 118 23.85 -20.39 -13.42
C LEU B 118 24.95 -21.00 -12.54
N GLU B 119 24.68 -21.12 -11.24
CA GLU B 119 25.68 -21.64 -10.38
C GLU B 119 25.50 -23.12 -10.10
N GLY B 120 24.42 -23.75 -10.57
CA GLY B 120 23.98 -25.11 -10.15
C GLY B 120 23.80 -25.33 -8.63
N LYS B 121 23.25 -24.32 -7.95
CA LYS B 121 22.93 -24.37 -6.51
C LYS B 121 21.46 -24.00 -6.22
N PRO B 122 20.83 -24.73 -5.28
CA PRO B 122 19.56 -24.29 -4.72
C PRO B 122 19.65 -22.87 -4.18
N VAL B 123 18.53 -22.14 -4.26
CA VAL B 123 18.52 -20.78 -3.68
C VAL B 123 18.95 -20.78 -2.18
N ALA B 124 18.47 -21.76 -1.43
CA ALA B 124 18.84 -21.91 -0.02
C ALA B 124 20.38 -21.82 0.14
N THR B 125 21.11 -22.44 -0.80
CA THR B 125 22.61 -22.39 -0.78
C THR B 125 23.20 -21.01 -1.07
N LEU B 126 22.62 -20.31 -2.06
CA LEU B 126 22.96 -18.93 -2.31
C LEU B 126 22.77 -18.06 -1.11
N LEU B 127 21.80 -18.38 -0.23
CA LEU B 127 21.51 -17.48 0.86
C LEU B 127 22.34 -17.85 2.08
N GLY B 128 23.25 -18.78 1.97
CA GLY B 128 24.08 -19.16 3.14
C GLY B 128 23.64 -20.45 3.83
N GLY B 129 22.57 -21.09 3.34
CA GLY B 129 22.11 -22.34 3.96
C GLY B 129 22.47 -23.52 3.09
N SER B 130 21.61 -24.54 3.11
CA SER B 130 21.81 -25.72 2.33
C SER B 130 20.50 -26.44 2.13
N PRO B 131 20.51 -27.42 1.23
CA PRO B 131 19.36 -28.25 0.98
C PRO B 131 19.13 -29.12 2.21
N GLY B 132 17.91 -29.61 2.41
CA GLY B 132 17.59 -30.47 3.50
C GLY B 132 16.12 -30.31 3.90
N PRO B 133 15.77 -30.99 5.02
CA PRO B 133 14.35 -31.05 5.39
C PRO B 133 13.94 -29.80 6.13
N VAL B 134 12.63 -29.43 6.00
CA VAL B 134 12.01 -28.38 6.82
C VAL B 134 10.77 -28.97 7.50
N ARG B 135 10.76 -28.98 8.82
CA ARG B 135 9.59 -29.36 9.56
C ARG B 135 8.38 -28.43 9.18
N ALA B 136 7.24 -29.02 8.89
CA ALA B 136 6.02 -28.22 8.50
C ALA B 136 4.91 -28.37 9.57
N TYR B 137 4.05 -27.35 9.65
CA TYR B 137 2.82 -27.42 10.35
C TYR B 137 1.71 -27.51 9.30
N ALA B 138 0.71 -28.33 9.57
CA ALA B 138 -0.45 -28.43 8.69
C ALA B 138 -1.36 -27.23 8.95
N SER B 139 -1.71 -26.47 7.93
CA SER B 139 -2.39 -25.22 8.19
C SER B 139 -3.80 -25.32 7.50
N SER B 140 -4.86 -25.24 8.32
CA SER B 140 -6.24 -25.17 7.81
C SER B 140 -6.57 -23.65 7.48
N MET B 141 -7.13 -23.35 6.29
CA MET B 141 -7.54 -21.99 5.97
C MET B 141 -9.01 -21.69 6.32
N ARG B 142 -9.77 -22.69 6.77
CA ARG B 142 -11.23 -22.59 6.84
C ARG B 142 -11.84 -22.26 8.19
N ARG B 143 -12.85 -21.41 8.13
CA ARG B 143 -13.77 -21.13 9.23
C ARG B 143 -15.17 -21.75 9.04
N ASP B 144 -15.38 -22.25 7.84
CA ASP B 144 -16.63 -22.86 7.40
C ASP B 144 -16.59 -24.36 7.59
N ILE B 145 -15.77 -24.81 8.51
CA ILE B 145 -15.66 -26.19 8.86
C ILE B 145 -16.03 -26.43 10.31
N THR B 146 -16.72 -27.54 10.62
CA THR B 146 -17.13 -27.75 12.01
C THR B 146 -15.93 -28.25 12.82
N PRO B 147 -15.95 -28.09 14.16
CA PRO B 147 -14.88 -28.63 14.99
C PRO B 147 -14.67 -30.09 14.72
N GLU B 148 -15.74 -30.91 14.69
CA GLU B 148 -15.56 -32.32 14.38
C GLU B 148 -14.94 -32.57 13.01
N ASP B 149 -15.32 -31.89 11.99
CA ASP B 149 -14.69 -32.14 10.70
C ASP B 149 -13.22 -31.69 10.68
N GLU B 150 -12.92 -30.60 11.32
CA GLU B 150 -11.54 -30.14 11.34
C GLU B 150 -10.70 -31.18 12.07
N ALA B 151 -11.22 -31.67 13.19
CA ALA B 151 -10.50 -32.61 13.98
C ALA B 151 -10.26 -33.87 13.22
N GLU B 152 -11.27 -34.30 12.51
CA GLU B 152 -11.17 -35.57 11.78
C GLU B 152 -10.11 -35.49 10.69
N ARG B 153 -10.15 -34.44 9.85
CA ARG B 153 -9.08 -34.41 8.83
C ARG B 153 -7.66 -34.22 9.43
N PHE B 154 -7.54 -33.53 10.57
CA PHE B 154 -6.24 -33.33 11.18
C PHE B 154 -5.74 -34.66 11.68
N CYS B 155 -6.60 -35.47 12.32
CA CYS B 155 -6.16 -36.80 12.85
C CYS B 155 -5.59 -37.69 11.71
N ARG B 156 -6.24 -37.67 10.56
CA ARG B 156 -5.77 -38.39 9.38
C ARG B 156 -4.40 -37.86 8.89
N LEU B 157 -4.25 -36.54 8.81
CA LEU B 157 -2.92 -35.91 8.42
C LEU B 157 -1.84 -36.26 9.44
N ARG B 158 -2.19 -36.22 10.72
CA ARG B 158 -1.27 -36.59 11.77
C ARG B 158 -0.81 -38.06 11.56
N ASP B 159 -1.75 -38.97 11.36
CA ASP B 159 -1.34 -40.36 11.23
C ASP B 159 -0.79 -40.73 9.86
N ASP B 160 -1.37 -40.22 8.77
CA ASP B 160 -0.86 -40.61 7.44
C ASP B 160 0.35 -39.83 6.95
N LYS B 161 0.47 -38.56 7.37
CA LYS B 161 1.59 -37.74 6.81
C LYS B 161 2.63 -37.38 7.86
N GLY B 162 2.36 -37.67 9.12
CA GLY B 162 3.39 -37.47 10.17
C GLY B 162 3.54 -36.03 10.62
N PHE B 163 2.57 -35.18 10.33
CA PHE B 163 2.62 -33.82 10.87
C PHE B 163 2.54 -33.84 12.40
N THR B 164 3.40 -33.10 13.06
CA THR B 164 3.33 -32.90 14.49
C THR B 164 2.93 -31.51 14.99
N ALA B 165 2.49 -30.67 14.09
CA ALA B 165 2.00 -29.35 14.40
C ALA B 165 0.84 -28.98 13.45
N PHE B 166 -0.13 -28.26 14.00
CA PHE B 166 -1.41 -27.92 13.29
C PHE B 166 -1.88 -26.50 13.62
N LYS B 167 -2.33 -25.76 12.59
CA LYS B 167 -2.94 -24.46 12.82
C LYS B 167 -4.41 -24.47 12.34
N TRP B 168 -5.29 -23.90 13.12
CA TRP B 168 -6.66 -23.75 12.75
C TRP B 168 -7.17 -22.32 13.06
N ARG B 169 -8.44 -22.08 12.81
CA ARG B 169 -8.97 -20.74 12.82
C ARG B 169 -9.94 -20.49 13.94
N VAL B 170 -9.85 -19.32 14.51
CA VAL B 170 -10.77 -18.87 15.51
C VAL B 170 -11.36 -17.51 15.10
N GLY B 171 -12.45 -17.12 15.73
CA GLY B 171 -13.13 -15.87 15.39
C GLY B 171 -13.63 -15.94 13.94
N ALA B 172 -13.98 -14.76 13.40
CA ALA B 172 -14.30 -14.47 11.95
C ALA B 172 -13.25 -13.43 11.50
N GLU B 173 -12.82 -13.56 10.24
CA GLU B 173 -11.82 -12.66 9.68
C GLU B 173 -12.28 -11.19 9.75
N ALA B 174 -11.47 -10.37 10.39
CA ALA B 174 -11.80 -8.98 10.63
C ALA B 174 -13.27 -8.82 11.18
N GLY B 175 -13.61 -9.70 12.12
CA GLY B 175 -15.03 -9.86 12.41
C GLY B 175 -15.51 -8.88 13.47
N ARG B 176 -14.66 -7.95 13.92
CA ARG B 176 -15.11 -7.01 14.98
C ARG B 176 -15.75 -7.69 16.26
N ASP B 177 -15.05 -8.72 16.73
CA ASP B 177 -15.45 -9.45 17.93
C ASP B 177 -16.58 -10.42 17.69
N HIS B 178 -17.11 -10.49 16.46
CA HIS B 178 -18.08 -11.50 16.14
C HIS B 178 -17.39 -12.79 15.71
N ASP B 179 -17.84 -13.93 16.18
CA ASP B 179 -17.36 -15.20 15.75
C ASP B 179 -18.00 -15.58 14.46
N GLU B 180 -17.49 -16.63 13.81
CA GLU B 180 -18.06 -17.15 12.59
C GLU B 180 -19.55 -17.60 12.77
N TRP B 181 -19.83 -18.31 13.87
CA TRP B 181 -21.19 -18.49 14.40
C TRP B 181 -21.05 -18.59 15.91
N PRO B 182 -22.16 -18.39 16.68
CA PRO B 182 -22.02 -18.27 18.14
C PRO B 182 -21.43 -19.55 18.71
N GLY B 183 -20.39 -19.37 19.53
CA GLY B 183 -19.79 -20.55 20.16
C GLY B 183 -18.79 -21.36 19.34
N ARG B 184 -18.51 -20.98 18.07
CA ARG B 184 -17.61 -21.79 17.26
C ARG B 184 -16.20 -21.84 17.93
N THR B 185 -15.67 -20.69 18.32
CA THR B 185 -14.32 -20.65 18.91
C THR B 185 -14.26 -21.50 20.22
N GLU B 186 -15.21 -21.27 21.15
CA GLU B 186 -15.36 -22.13 22.38
C GLU B 186 -15.36 -23.62 22.11
N ALA B 187 -15.97 -24.07 21.03
CA ALA B 187 -15.96 -25.49 20.63
C ALA B 187 -14.76 -25.93 19.84
N VAL B 188 -14.27 -25.10 18.90
CA VAL B 188 -13.24 -25.68 17.98
C VAL B 188 -11.90 -25.80 18.73
N VAL B 189 -11.68 -24.90 19.70
CA VAL B 189 -10.35 -24.89 20.46
C VAL B 189 -10.18 -26.24 21.18
N PRO B 190 -11.11 -26.59 22.14
CA PRO B 190 -10.94 -27.88 22.85
C PRO B 190 -11.23 -29.06 21.98
N THR B 191 -12.17 -28.99 21.05
CA THR B 191 -12.43 -30.18 20.24
C THR B 191 -11.24 -30.65 19.41
N VAL B 192 -10.57 -29.71 18.73
CA VAL B 192 -9.44 -30.09 17.91
C VAL B 192 -8.24 -30.45 18.79
N SER B 193 -7.96 -29.67 19.83
CA SER B 193 -6.85 -29.95 20.74
C SER B 193 -6.97 -31.33 21.41
N ARG B 194 -8.16 -31.68 21.90
CA ARG B 194 -8.32 -33.04 22.48
C ARG B 194 -8.15 -34.13 21.43
N ALA B 195 -8.72 -33.94 20.25
CA ALA B 195 -8.53 -34.93 19.16
C ALA B 195 -7.09 -35.14 18.84
N LEU B 196 -6.32 -34.03 18.79
CA LEU B 196 -4.94 -34.15 18.26
C LEU B 196 -4.06 -34.92 19.25
N GLY B 197 -4.33 -34.73 20.54
CA GLY B 197 -3.68 -35.52 21.59
C GLY B 197 -2.32 -34.93 21.99
N ASP B 198 -1.54 -35.73 22.71
CA ASP B 198 -0.25 -35.30 23.31
C ASP B 198 0.85 -35.27 22.27
N GLY B 199 1.85 -34.45 22.51
CA GLY B 199 3.03 -34.52 21.62
C GLY B 199 2.79 -33.68 20.39
N ILE B 200 1.75 -32.82 20.36
CA ILE B 200 1.43 -32.12 19.07
C ILE B 200 1.43 -30.64 19.36
N GLU B 201 2.17 -29.83 18.57
CA GLU B 201 2.21 -28.37 18.76
C GLU B 201 0.91 -27.78 18.07
N LYS B 202 0.35 -26.75 18.65
CA LYS B 202 -0.96 -26.29 18.18
C LYS B 202 -0.85 -24.78 18.02
N LEU B 203 -1.48 -24.28 16.95
CA LEU B 203 -1.49 -22.83 16.63
C LEU B 203 -2.91 -22.47 16.23
N VAL B 204 -3.37 -21.26 16.54
CA VAL B 204 -4.61 -20.76 15.86
C VAL B 204 -4.33 -19.38 15.29
N ASP B 205 -5.22 -18.93 14.36
CA ASP B 205 -5.12 -17.57 13.78
C ASP B 205 -6.53 -16.97 13.90
N GLY B 206 -6.56 -15.81 14.54
CA GLY B 206 -7.72 -14.98 14.77
C GLY B 206 -8.00 -14.08 13.52
N ASN B 207 -7.13 -14.10 12.54
CA ASN B 207 -7.24 -13.14 11.40
C ASN B 207 -7.90 -11.76 11.69
N SER B 208 -7.33 -11.05 12.64
CA SER B 208 -7.80 -9.66 12.92
C SER B 208 -9.21 -9.53 13.54
N CYS B 209 -9.70 -10.60 14.17
CA CYS B 209 -11.05 -10.57 14.71
C CYS B 209 -11.25 -9.66 15.92
N TYR B 210 -10.33 -9.69 16.88
CA TYR B 210 -10.75 -9.32 18.23
C TYR B 210 -10.26 -7.97 18.74
N SER B 211 -11.03 -7.36 19.65
CA SER B 211 -10.50 -6.31 20.52
C SER B 211 -9.55 -6.98 21.58
N PRO B 212 -8.64 -6.22 22.12
CA PRO B 212 -7.73 -6.88 23.11
C PRO B 212 -8.41 -7.65 24.32
N ALA B 213 -9.41 -7.05 24.94
CA ALA B 213 -10.12 -7.76 26.02
C ALA B 213 -10.64 -9.08 25.57
N ARG B 214 -11.31 -9.12 24.43
CA ARG B 214 -11.81 -10.38 24.03
C ARG B 214 -10.72 -11.39 23.58
N ALA B 215 -9.71 -10.89 22.85
CA ALA B 215 -8.56 -11.73 22.47
C ALA B 215 -7.89 -12.33 23.75
N ILE B 216 -7.86 -11.58 24.81
CA ILE B 216 -7.31 -12.09 26.04
C ILE B 216 -8.14 -13.25 26.58
N GLU B 217 -9.45 -13.13 26.55
CA GLU B 217 -10.36 -14.16 27.04
C GLU B 217 -10.17 -15.41 26.24
N VAL B 218 -10.12 -15.23 24.93
CA VAL B 218 -9.92 -16.33 24.01
C VAL B 218 -8.54 -16.95 24.23
N GLY B 219 -7.58 -16.10 24.46
CA GLY B 219 -6.21 -16.55 24.63
C GLY B 219 -6.08 -17.40 25.88
N LYS B 220 -6.89 -17.12 26.89
CA LYS B 220 -6.86 -17.95 28.17
C LYS B 220 -7.43 -19.33 27.91
N LEU B 221 -8.43 -19.43 27.04
CA LEU B 221 -8.91 -20.71 26.56
C LEU B 221 -7.90 -21.46 25.71
N LEU B 222 -7.14 -20.73 24.90
CA LEU B 222 -6.13 -21.36 24.10
C LEU B 222 -5.08 -22.02 25.04
N GLN B 223 -4.63 -21.25 26.04
CA GLN B 223 -3.56 -21.71 26.94
C GLN B 223 -4.12 -22.91 27.75
N ASP B 224 -5.39 -22.88 28.16
CA ASP B 224 -6.05 -24.07 28.80
C ASP B 224 -5.91 -25.32 27.98
N ASN B 225 -5.88 -25.18 26.65
CA ASN B 225 -5.85 -26.30 25.75
C ASN B 225 -4.44 -26.53 25.08
N GLY B 226 -3.42 -25.84 25.61
CA GLY B 226 -2.05 -26.15 25.26
C GLY B 226 -1.71 -25.52 23.92
N ILE B 227 -2.41 -24.45 23.50
CA ILE B 227 -2.13 -23.88 22.15
C ILE B 227 -1.04 -22.83 22.39
N GLY B 228 0.10 -22.93 21.75
CA GLY B 228 1.26 -22.08 22.08
C GLY B 228 1.54 -20.92 21.13
N HIS B 229 0.64 -20.71 20.13
CA HIS B 229 0.81 -19.74 19.00
C HIS B 229 -0.57 -19.15 18.75
N PHE B 230 -0.70 -17.87 18.93
CA PHE B 230 -1.92 -17.10 18.66
C PHE B 230 -1.62 -16.03 17.61
N GLU B 231 -2.01 -16.34 16.40
CA GLU B 231 -1.78 -15.46 15.26
C GLU B 231 -2.82 -14.39 15.06
N GLU B 232 -2.34 -13.17 14.89
CA GLU B 232 -3.12 -12.02 14.47
C GLU B 232 -4.41 -11.89 15.28
N PRO B 233 -4.29 -11.85 16.59
CA PRO B 233 -5.49 -11.82 17.43
C PRO B 233 -6.33 -10.56 17.20
N CYS B 234 -5.70 -9.41 16.94
CA CYS B 234 -6.42 -8.18 16.75
C CYS B 234 -6.20 -7.62 15.31
N PRO B 235 -7.02 -6.61 14.91
CA PRO B 235 -6.67 -5.99 13.59
C PRO B 235 -5.18 -5.67 13.49
N TYR B 236 -4.57 -6.26 12.46
CA TYR B 236 -3.17 -6.23 12.31
C TYR B 236 -2.65 -4.83 12.29
N TRP B 237 -3.48 -3.88 11.90
CA TRP B 237 -2.99 -2.48 11.80
C TRP B 237 -3.11 -1.73 13.14
N GLU B 238 -3.74 -2.36 14.14
CA GLU B 238 -3.79 -1.82 15.53
C GLU B 238 -2.62 -2.37 16.36
N TYR B 239 -1.43 -1.81 16.23
CA TYR B 239 -0.26 -2.44 16.81
C TYR B 239 -0.34 -2.43 18.36
N ASP B 240 -0.90 -1.35 18.92
CA ASP B 240 -1.06 -1.26 20.40
C ASP B 240 -2.04 -2.30 20.98
N GLN B 241 -3.09 -2.66 20.22
CA GLN B 241 -4.02 -3.69 20.69
C GLN B 241 -3.24 -4.99 20.71
N THR B 242 -2.53 -5.28 19.61
CA THR B 242 -1.79 -6.55 19.50
C THR B 242 -0.78 -6.66 20.66
N ALA B 243 -0.14 -5.54 20.94
CA ALA B 243 0.88 -5.50 22.01
C ALA B 243 0.29 -5.79 23.42
N ALA B 244 -0.96 -5.35 23.67
CA ALA B 244 -1.69 -5.53 24.96
C ALA B 244 -1.97 -7.01 25.12
N VAL B 245 -2.35 -7.69 24.04
CA VAL B 245 -2.55 -9.12 24.02
C VAL B 245 -1.26 -9.94 24.29
N ARG B 246 -0.18 -9.59 23.62
CA ARG B 246 1.11 -10.19 23.80
C ARG B 246 1.58 -10.04 25.28
N ALA B 247 1.35 -8.87 25.84
CA ALA B 247 1.78 -8.57 27.23
C ALA B 247 1.00 -9.43 28.23
N ALA B 248 -0.23 -9.78 27.92
CA ALA B 248 -1.08 -10.45 28.90
C ALA B 248 -1.04 -11.98 28.83
N LEU B 249 -0.61 -12.52 27.71
CA LEU B 249 -0.65 -13.97 27.54
C LEU B 249 0.76 -14.53 27.58
N LEU B 250 0.85 -15.80 27.95
CA LEU B 250 2.10 -16.46 28.07
C LEU B 250 2.35 -17.11 26.77
N LEU B 251 1.30 -17.47 26.01
CA LEU B 251 1.57 -18.08 24.64
C LEU B 251 2.28 -17.06 23.72
N ASP B 252 2.84 -17.51 22.58
CA ASP B 252 3.45 -16.55 21.59
C ASP B 252 2.37 -15.86 20.75
N VAL B 253 2.39 -14.53 20.66
CA VAL B 253 1.47 -13.81 19.73
C VAL B 253 2.34 -13.55 18.48
N ALA B 254 1.79 -13.90 17.31
CA ALA B 254 2.54 -13.90 16.06
C ALA B 254 1.74 -12.97 15.12
N GLY B 255 2.46 -12.28 14.20
CA GLY B 255 1.76 -11.49 13.20
C GLY B 255 2.70 -10.97 12.13
N GLY B 256 2.13 -10.34 11.08
CA GLY B 256 2.87 -9.57 10.12
C GLY B 256 2.66 -10.02 8.66
N GLU B 257 1.88 -11.08 8.44
CA GLU B 257 1.52 -11.54 7.08
C GLU B 257 1.23 -10.39 6.11
N GLN B 258 0.45 -9.39 6.56
CA GLN B 258 0.07 -8.27 5.62
C GLN B 258 0.96 -7.01 5.68
N ASP B 259 2.06 -7.07 6.46
CA ASP B 259 3.03 -5.96 6.54
C ASP B 259 4.02 -6.08 5.38
N CYS B 260 4.11 -5.07 4.50
CA CYS B 260 4.91 -5.21 3.35
C CYS B 260 5.91 -4.01 3.27
N GLU B 261 5.79 -3.01 4.14
CA GLU B 261 6.73 -1.90 4.15
C GLU B 261 7.54 -1.87 5.47
N TYR B 262 8.79 -1.47 5.39
CA TYR B 262 9.65 -1.54 6.52
C TYR B 262 9.12 -0.63 7.67
N SER B 263 8.53 0.49 7.32
CA SER B 263 8.01 1.41 8.28
C SER B 263 6.97 0.75 9.15
N SER B 264 6.09 -0.05 8.59
CA SER B 264 5.18 -0.74 9.45
C SER B 264 5.78 -1.89 10.33
N TRP B 265 6.76 -2.63 9.84
CA TRP B 265 7.46 -3.63 10.61
C TRP B 265 8.17 -2.91 11.76
N GLN B 266 8.71 -1.74 11.44
CA GLN B 266 9.51 -0.97 12.43
C GLN B 266 8.60 -0.49 13.57
N LEU B 267 7.41 0.03 13.27
CA LEU B 267 6.48 0.35 14.29
C LEU B 267 6.03 -0.88 15.13
N MET B 268 5.70 -1.98 14.45
CA MET B 268 5.36 -3.28 15.07
C MET B 268 6.43 -3.63 16.15
N LEU B 269 7.71 -3.62 15.74
CA LEU B 269 8.86 -4.02 16.58
C LEU B 269 9.02 -3.02 17.70
N ASP B 270 8.80 -1.73 17.41
CA ASP B 270 8.90 -0.63 18.45
C ASP B 270 7.83 -0.72 19.55
N ARG B 271 6.58 -1.05 19.21
CA ARG B 271 5.50 -1.18 20.16
C ARG B 271 5.52 -2.54 20.86
N GLY B 272 6.48 -3.40 20.55
CA GLY B 272 6.57 -4.82 21.03
C GLY B 272 5.22 -5.51 20.75
N ALA B 273 4.74 -5.46 19.49
CA ALA B 273 3.43 -6.09 19.19
C ALA B 273 3.45 -7.63 19.24
N VAL B 274 4.54 -8.20 18.75
CA VAL B 274 4.59 -9.65 18.57
C VAL B 274 5.76 -10.35 19.22
N ASP B 275 5.60 -11.62 19.55
CA ASP B 275 6.67 -12.54 19.90
C ASP B 275 7.36 -13.19 18.68
N ILE B 276 6.63 -13.24 17.54
CA ILE B 276 7.12 -14.00 16.40
C ILE B 276 6.72 -13.19 15.11
N VAL B 277 7.63 -12.97 14.16
CA VAL B 277 7.29 -12.18 12.91
C VAL B 277 6.94 -13.11 11.81
N GLN B 278 5.96 -12.72 10.97
CA GLN B 278 5.47 -13.70 9.99
C GLN B 278 5.35 -13.04 8.62
N PRO B 279 6.46 -12.56 8.05
CA PRO B 279 6.40 -11.95 6.74
C PRO B 279 5.95 -13.05 5.76
N ASP B 280 5.43 -12.62 4.61
CA ASP B 280 5.09 -13.50 3.49
C ASP B 280 6.03 -13.06 2.37
N VAL B 281 6.81 -13.99 1.83
CA VAL B 281 7.82 -13.60 0.85
C VAL B 281 7.18 -12.85 -0.33
N MET B 282 6.02 -13.31 -0.78
CA MET B 282 5.37 -12.72 -2.03
C MET B 282 4.69 -11.41 -1.71
N TYR B 283 4.08 -11.26 -0.51
CA TYR B 283 3.49 -9.95 -0.15
C TYR B 283 4.64 -8.90 0.14
N MET B 284 5.80 -9.39 0.61
CA MET B 284 6.96 -8.51 0.96
C MET B 284 7.68 -7.87 -0.24
N GLY B 285 7.56 -8.47 -1.41
CA GLY B 285 8.32 -7.98 -2.53
C GLY B 285 9.54 -8.89 -2.75
N GLY B 286 9.57 -10.08 -2.08
CA GLY B 286 10.53 -11.13 -2.46
C GLY B 286 11.62 -11.44 -1.42
N MET B 287 12.70 -12.14 -1.84
CA MET B 287 13.65 -12.72 -0.85
C MET B 287 14.55 -11.66 -0.19
N HIS B 288 15.11 -10.73 -0.98
CA HIS B 288 15.90 -9.62 -0.37
C HIS B 288 15.08 -8.90 0.71
N ARG B 289 13.87 -8.50 0.39
CA ARG B 289 13.12 -7.70 1.36
C ARG B 289 12.72 -8.52 2.55
N THR B 290 12.36 -9.78 2.35
CA THR B 290 11.97 -10.61 3.47
C THR B 290 13.21 -10.87 4.38
N LEU B 291 14.39 -11.10 3.77
CA LEU B 291 15.67 -11.10 4.54
C LEU B 291 15.93 -9.88 5.42
N GLN B 292 15.53 -8.71 4.97
CA GLN B 292 15.64 -7.47 5.70
C GLN B 292 14.72 -7.50 6.93
N VAL B 293 13.50 -7.99 6.78
CA VAL B 293 12.62 -8.26 7.91
C VAL B 293 13.22 -9.27 8.87
N CYS B 294 13.88 -10.31 8.36
CA CYS B 294 14.44 -11.31 9.25
C CYS B 294 15.57 -10.69 10.15
N GLN B 295 16.35 -9.79 9.58
CA GLN B 295 17.47 -9.10 10.26
C GLN B 295 16.88 -8.11 11.21
N MET B 296 15.74 -7.44 10.85
CA MET B 296 15.07 -6.58 11.85
C MET B 296 14.64 -7.40 13.07
N ALA B 297 14.08 -8.58 12.81
CA ALA B 297 13.57 -9.42 13.91
C ALA B 297 14.76 -9.94 14.73
N ALA B 298 15.81 -10.35 14.05
CA ALA B 298 17.00 -10.87 14.74
C ALA B 298 17.62 -9.82 15.72
N ARG B 299 17.68 -8.54 15.33
CA ARG B 299 18.04 -7.41 16.20
C ARG B 299 17.09 -7.19 17.35
N ALA B 300 15.80 -7.49 17.17
CA ALA B 300 14.83 -7.38 18.25
C ALA B 300 14.76 -8.65 19.09
N GLY B 301 15.56 -9.65 18.77
CA GLY B 301 15.56 -10.93 19.45
C GLY B 301 14.39 -11.90 19.17
N LEU B 302 13.80 -11.83 17.98
CA LEU B 302 12.55 -12.61 17.68
C LEU B 302 12.78 -13.59 16.51
N PRO B 303 12.11 -14.75 16.56
CA PRO B 303 12.22 -15.70 15.51
C PRO B 303 11.25 -15.32 14.35
N VAL B 304 11.46 -15.95 13.21
CA VAL B 304 10.68 -15.64 11.99
C VAL B 304 9.99 -16.97 11.67
N THR B 305 8.63 -16.96 11.70
CA THR B 305 7.90 -18.11 11.23
C THR B 305 6.99 -17.55 10.06
N PRO B 306 7.48 -17.54 8.85
CA PRO B 306 6.84 -16.84 7.70
C PRO B 306 5.48 -17.39 7.36
N HIS B 307 4.73 -16.60 6.61
CA HIS B 307 3.41 -16.99 6.25
C HIS B 307 3.49 -17.53 4.86
N ALA B 308 2.82 -18.67 4.59
CA ALA B 308 2.73 -19.19 3.22
C ALA B 308 1.41 -19.95 3.18
N ALA B 309 0.44 -19.43 2.50
CA ALA B 309 -0.91 -19.97 2.65
C ALA B 309 -1.48 -20.79 1.44
N ASN B 310 -0.63 -21.08 0.48
CA ASN B 310 -1.04 -21.95 -0.64
C ASN B 310 0.21 -22.56 -1.27
N LEU B 311 -0.05 -23.53 -2.15
CA LEU B 311 1.00 -24.24 -2.84
C LEU B 311 1.32 -23.74 -4.21
N SER B 312 1.19 -22.42 -4.35
CA SER B 312 1.93 -21.73 -5.42
C SER B 312 3.40 -21.70 -5.02
N LEU B 313 4.21 -20.94 -5.72
CA LEU B 313 5.64 -20.96 -5.46
C LEU B 313 5.96 -20.36 -4.05
N VAL B 314 5.00 -19.67 -3.45
CA VAL B 314 5.31 -19.05 -2.13
C VAL B 314 5.87 -20.10 -1.12
N THR B 315 5.35 -21.32 -1.17
CA THR B 315 5.69 -22.32 -0.14
C THR B 315 7.18 -22.72 -0.34
N MET B 316 7.56 -23.03 -1.57
CA MET B 316 8.91 -23.39 -1.87
C MET B 316 9.90 -22.22 -1.57
N CYS B 317 9.49 -20.97 -1.87
CA CYS B 317 10.40 -19.83 -1.50
C CYS B 317 10.63 -19.83 0.01
N THR B 318 9.56 -20.09 0.78
CA THR B 318 9.63 -20.07 2.23
C THR B 318 10.54 -21.19 2.78
N MET B 319 10.42 -22.36 2.19
CA MET B 319 11.23 -23.53 2.50
C MET B 319 12.75 -23.17 2.32
N HIS B 320 13.11 -22.50 1.23
CA HIS B 320 14.51 -22.14 1.00
C HIS B 320 14.95 -21.09 2.02
N LEU B 321 14.10 -20.12 2.31
CA LEU B 321 14.43 -19.13 3.31
C LEU B 321 14.62 -19.76 4.68
N LEU B 322 13.76 -20.73 5.08
CA LEU B 322 13.92 -21.38 6.37
C LEU B 322 15.20 -22.24 6.44
N ARG B 323 15.69 -22.73 5.29
CA ARG B 323 16.95 -23.49 5.31
C ARG B 323 18.17 -22.58 5.46
N ALA B 324 17.97 -21.27 5.33
CA ALA B 324 19.07 -20.34 5.34
C ALA B 324 19.14 -19.39 6.54
N ILE B 325 18.03 -18.97 7.15
CA ILE B 325 18.15 -17.87 8.11
C ILE B 325 18.63 -18.38 9.50
N PRO B 326 19.34 -17.51 10.26
CA PRO B 326 19.81 -17.93 11.61
C PRO B 326 18.73 -17.89 12.66
N ASN B 327 17.60 -17.22 12.39
CA ASN B 327 16.57 -17.05 13.46
C ASN B 327 15.17 -17.56 13.04
N ALA B 328 15.12 -18.73 12.43
CA ALA B 328 13.89 -19.42 11.99
C ALA B 328 13.08 -19.80 13.20
N GLY B 329 11.76 -19.68 13.10
CA GLY B 329 10.86 -20.33 14.07
C GLY B 329 10.77 -21.85 13.91
N LYS B 330 9.68 -22.42 14.40
CA LYS B 330 9.62 -23.89 14.59
C LYS B 330 9.29 -24.69 13.35
N TYR B 331 8.74 -24.04 12.31
CA TYR B 331 8.08 -24.79 11.26
C TYR B 331 7.58 -23.92 10.10
N LEU B 332 7.49 -24.59 8.95
CA LEU B 332 7.01 -24.10 7.66
C LEU B 332 5.49 -24.19 7.67
N GLU B 333 4.82 -23.05 7.44
CA GLU B 333 3.34 -23.08 7.17
C GLU B 333 3.04 -23.91 5.92
N PHE B 334 2.19 -24.92 6.06
CA PHE B 334 1.95 -25.79 4.92
C PHE B 334 0.42 -25.99 4.74
N SER B 335 -0.14 -25.39 3.71
CA SER B 335 -1.58 -25.40 3.53
C SER B 335 -2.03 -26.84 3.21
N ILE B 336 -2.98 -27.34 3.99
CA ILE B 336 -3.46 -28.73 3.77
C ILE B 336 -4.80 -28.76 3.03
N GLU B 337 -5.29 -27.60 2.58
CA GLU B 337 -6.55 -27.50 1.77
C GLU B 337 -6.35 -28.23 0.45
N GLY B 338 -7.36 -28.97 0.05
CA GLY B 338 -7.19 -29.75 -1.19
C GLY B 338 -7.56 -28.96 -2.44
N PRO B 339 -7.50 -29.63 -3.62
CA PRO B 339 -7.77 -28.99 -4.87
C PRO B 339 -9.19 -28.52 -4.95
N GLU B 340 -10.11 -29.05 -4.17
CA GLU B 340 -11.45 -28.45 -4.11
C GLU B 340 -11.52 -27.02 -3.52
N TYR B 341 -10.67 -26.65 -2.54
CA TYR B 341 -10.65 -25.31 -2.01
C TYR B 341 -9.77 -24.37 -2.88
N TYR B 342 -8.65 -24.88 -3.44
CA TYR B 342 -7.73 -24.12 -4.29
C TYR B 342 -7.59 -24.81 -5.65
N PRO B 343 -8.64 -24.74 -6.49
CA PRO B 343 -8.55 -25.51 -7.74
C PRO B 343 -7.43 -25.01 -8.64
N TRP B 344 -7.15 -23.70 -8.56
CA TRP B 344 -6.18 -23.09 -9.43
C TRP B 344 -4.70 -23.46 -9.14
N GLN B 345 -4.40 -24.08 -7.99
CA GLN B 345 -3.01 -24.40 -7.71
C GLN B 345 -2.71 -25.81 -8.17
N GLU B 346 -3.73 -26.56 -8.60
CA GLU B 346 -3.48 -27.97 -8.93
C GLU B 346 -2.84 -27.99 -10.28
N GLY B 347 -1.76 -28.73 -10.42
CA GLY B 347 -1.06 -28.71 -11.76
C GLY B 347 -0.26 -27.45 -12.10
N LEU B 348 0.16 -26.68 -11.10
CA LEU B 348 1.04 -25.55 -11.50
C LEU B 348 2.40 -26.12 -11.82
N PHE B 349 2.88 -27.10 -11.05
CA PHE B 349 4.26 -27.63 -11.19
C PHE B 349 4.26 -29.15 -11.61
N LEU B 350 5.32 -29.57 -12.27
CA LEU B 350 5.58 -30.98 -12.58
C LEU B 350 6.09 -31.65 -11.31
N GLY B 351 5.93 -32.98 -11.22
CA GLY B 351 6.64 -33.69 -10.12
C GLY B 351 5.88 -33.51 -8.79
N ASP B 352 6.59 -33.59 -7.68
CA ASP B 352 5.88 -33.56 -6.41
C ASP B 352 6.75 -32.71 -5.46
N PRO B 353 6.97 -31.41 -5.78
CA PRO B 353 7.89 -30.57 -4.97
C PRO B 353 7.42 -30.43 -3.54
N TYR B 354 6.11 -30.48 -3.29
CA TYR B 354 5.57 -30.34 -1.92
C TYR B 354 5.24 -31.68 -1.24
N ARG B 355 5.90 -32.74 -1.67
CA ARG B 355 5.77 -34.03 -0.95
C ARG B 355 6.08 -33.91 0.54
N ILE B 356 5.21 -34.38 1.46
CA ILE B 356 5.49 -34.38 2.90
C ILE B 356 5.75 -35.86 3.34
N GLU B 357 6.79 -36.10 4.12
CA GLU B 357 7.00 -37.39 4.80
C GLU B 357 7.50 -37.05 6.19
N GLY B 358 6.87 -37.69 7.17
CA GLY B 358 7.30 -37.46 8.61
C GLY B 358 7.04 -36.02 9.03
N GLY B 359 6.00 -35.39 8.46
CA GLY B 359 5.71 -33.99 8.76
C GLY B 359 6.75 -33.01 8.27
N GLN B 360 7.54 -33.40 7.26
CA GLN B 360 8.65 -32.58 6.78
C GLN B 360 8.55 -32.39 5.25
N ALA B 361 8.81 -31.18 4.76
CA ALA B 361 9.00 -30.92 3.34
C ALA B 361 10.51 -30.95 3.10
N ILE B 362 10.93 -30.93 1.85
CA ILE B 362 12.34 -31.12 1.48
C ILE B 362 12.74 -30.10 0.43
N VAL B 363 13.79 -29.37 0.72
CA VAL B 363 14.48 -28.58 -0.27
C VAL B 363 15.57 -29.50 -0.84
N THR B 364 15.47 -29.77 -2.14
CA THR B 364 16.40 -30.68 -2.81
C THR B 364 17.64 -29.95 -3.25
N ASP B 365 18.58 -30.69 -3.83
CA ASP B 365 19.77 -30.06 -4.38
C ASP B 365 19.55 -29.51 -5.80
N ALA B 366 18.31 -29.46 -6.28
CA ALA B 366 18.03 -29.00 -7.67
C ALA B 366 18.36 -27.47 -7.73
N PRO B 367 18.99 -26.98 -8.81
CA PRO B 367 19.38 -25.57 -8.94
C PRO B 367 18.16 -24.61 -8.89
N GLY B 368 18.41 -23.37 -8.44
CA GLY B 368 17.31 -22.36 -8.21
C GLY B 368 16.25 -22.83 -7.21
N TRP B 369 14.96 -22.61 -7.52
CA TRP B 369 13.91 -23.05 -6.61
C TRP B 369 13.73 -24.54 -6.61
N GLY B 370 14.21 -25.23 -7.65
CA GLY B 370 14.08 -26.71 -7.71
C GLY B 370 12.72 -27.13 -8.20
N VAL B 371 12.07 -26.29 -9.01
CA VAL B 371 10.70 -26.49 -9.37
C VAL B 371 10.60 -26.33 -10.93
N GLU B 372 9.72 -27.07 -11.62
CA GLU B 372 9.42 -26.85 -13.04
C GLU B 372 7.96 -26.54 -13.16
N ILE B 373 7.66 -25.41 -13.85
CA ILE B 373 6.26 -25.00 -14.03
C ILE B 373 5.63 -25.84 -15.17
N SER B 374 4.36 -26.28 -15.02
CA SER B 374 3.68 -27.03 -16.05
C SER B 374 3.70 -26.26 -17.41
N PRO B 375 4.32 -26.85 -18.47
CA PRO B 375 4.13 -26.20 -19.79
C PRO B 375 2.70 -26.01 -20.29
N THR B 376 1.83 -26.92 -19.99
CA THR B 376 0.38 -26.79 -20.36
C THR B 376 -0.23 -25.57 -19.71
N TRP B 377 0.02 -25.40 -18.41
CA TRP B 377 -0.46 -24.18 -17.72
C TRP B 377 0.04 -22.92 -18.45
N LEU B 378 1.31 -22.79 -18.76
CA LEU B 378 1.88 -21.62 -19.37
C LEU B 378 1.30 -21.31 -20.77
N ASP B 379 1.05 -22.41 -21.50
CA ASP B 379 0.55 -22.38 -22.85
C ASP B 379 -0.81 -21.72 -22.87
N SER B 380 -1.63 -21.84 -21.84
CA SER B 380 -2.97 -21.29 -21.87
C SER B 380 -3.02 -19.95 -21.15
N ALA B 381 -1.90 -19.55 -20.55
CA ALA B 381 -1.90 -18.34 -19.65
C ALA B 381 -1.94 -17.12 -20.51
N THR B 382 -2.32 -15.99 -19.90
CA THR B 382 -2.15 -14.67 -20.54
C THR B 382 -0.72 -14.31 -20.57
N TYR B 383 -0.20 -13.89 -21.73
CA TYR B 383 1.18 -13.64 -21.86
C TYR B 383 1.44 -12.16 -22.03
N GLN B 384 2.50 -11.65 -21.40
CA GLN B 384 2.90 -10.23 -21.67
C GLN B 384 4.41 -10.11 -21.59
N VAL B 385 5.08 -9.32 -22.42
CA VAL B 385 6.51 -9.20 -22.37
C VAL B 385 6.98 -7.76 -22.35
N SER B 386 8.08 -7.48 -21.64
CA SER B 386 8.79 -6.20 -21.72
C SER B 386 10.24 -6.51 -22.08
N GLU B 387 10.86 -5.77 -23.00
CA GLU B 387 12.29 -6.00 -23.34
C GLU B 387 13.02 -4.74 -23.82
#